data_7EBU
#
_entry.id   7EBU
#
_cell.length_a   152.213
_cell.length_b   152.213
_cell.length_c   146.825
_cell.angle_alpha   90.000
_cell.angle_beta   90.000
_cell.angle_gamma   90.000
#
_symmetry.space_group_name_H-M   'I 41 2 2'
#
loop_
_entity.id
_entity.type
_entity.pdbx_description
1 polymer 'Glutathione transferase'
2 non-polymer GLUTATHIONE
3 non-polymer 7-hydroxy-3-(4-hydroxyphenyl)-4H-chromen-4-one
4 non-polymer 'CALCIUM ION'
5 water water
#
_entity_poly.entity_id   1
_entity_poly.type   'polypeptide(L)'
_entity_poly.pdbx_seq_one_letter_code
;MNHKVHMMSKPVLYYDDISPPVRGVLLTVAALGIKDQVELKLVRLFEREHLLEDFVKLNPLHAVPVLKHDDLVLTDSHAI
IMYLCDIFGQDGDFSLKDPKQRARVHNRLCFNNAVLFQRESIVMRGLINRSIVTLEDHHLKPVQEAYDCLEVYLTNSKFV
ACDQLTVADFPIVACMSTVGMVCPLSTSRWPKTAAWFETMKQLPYYQQANQVGVDKLKERLHAVMKK
;
_entity_poly.pdbx_strand_id   A,B,C,D
#
# COMPACT_ATOMS: atom_id res chain seq x y z
N MET A 8 -21.02 7.56 16.07
CA MET A 8 -19.57 7.40 16.14
C MET A 8 -19.12 6.15 15.40
N SER A 9 -19.91 5.08 15.53
CA SER A 9 -19.65 3.83 14.85
C SER A 9 -20.05 3.97 13.39
N LYS A 10 -19.10 3.74 12.48
CA LYS A 10 -19.39 3.91 11.05
C LYS A 10 -19.55 2.56 10.38
N PRO A 11 -20.64 2.36 9.64
CA PRO A 11 -20.71 1.17 8.78
C PRO A 11 -19.57 1.16 7.77
N VAL A 12 -19.07 -0.03 7.46
CA VAL A 12 -18.03 -0.22 6.46
C VAL A 12 -18.63 -0.99 5.30
N LEU A 13 -18.53 -0.43 4.08
CA LEU A 13 -19.10 -1.05 2.88
C LEU A 13 -17.98 -1.70 2.07
N TYR A 14 -18.04 -3.04 1.95
CA TYR A 14 -17.14 -3.81 1.11
C TYR A 14 -17.73 -3.88 -0.28
N TYR A 15 -16.97 -3.44 -1.29
CA TYR A 15 -17.60 -3.07 -2.55
C TYR A 15 -16.62 -3.13 -3.71
N ASP A 16 -17.20 -3.34 -4.88
CA ASP A 16 -16.58 -3.17 -6.20
C ASP A 16 -17.65 -2.60 -7.09
N ASP A 17 -17.46 -1.37 -7.60
CA ASP A 17 -18.60 -0.67 -8.19
C ASP A 17 -18.92 -1.10 -9.61
N ILE A 18 -18.22 -2.10 -10.14
CA ILE A 18 -18.72 -2.75 -11.35
C ILE A 18 -19.95 -3.60 -11.09
N SER A 19 -20.16 -4.02 -9.85
CA SER A 19 -21.29 -4.85 -9.49
C SER A 19 -22.56 -4.00 -9.39
N PRO A 20 -23.64 -4.36 -10.08
CA PRO A 20 -24.94 -3.64 -9.93
C PRO A 20 -25.42 -3.62 -8.49
N PRO A 21 -25.44 -4.75 -7.76
CA PRO A 21 -25.84 -4.67 -6.32
C PRO A 21 -25.08 -3.61 -5.54
N VAL A 22 -23.76 -3.54 -5.79
CA VAL A 22 -22.95 -2.52 -5.11
C VAL A 22 -23.45 -1.13 -5.48
N ARG A 23 -23.62 -0.90 -6.78
CA ARG A 23 -24.04 0.42 -7.22
C ARG A 23 -25.42 0.79 -6.66
N GLY A 24 -26.29 -0.20 -6.44
CA GLY A 24 -27.56 0.11 -5.78
C GLY A 24 -27.31 0.68 -4.40
N VAL A 25 -26.33 0.10 -3.70
CA VAL A 25 -25.93 0.66 -2.41
C VAL A 25 -25.33 2.06 -2.56
N LEU A 26 -24.41 2.23 -3.52
CA LEU A 26 -23.74 3.52 -3.68
C LEU A 26 -24.74 4.63 -3.98
N LEU A 27 -25.66 4.35 -4.91
CA LEU A 27 -26.77 5.25 -5.17
C LEU A 27 -27.55 5.57 -3.89
N THR A 28 -27.85 4.56 -3.08
CA THR A 28 -28.58 4.81 -1.84
C THR A 28 -27.78 5.71 -0.88
N VAL A 29 -26.50 5.39 -0.68
CA VAL A 29 -25.68 6.18 0.23
C VAL A 29 -25.67 7.64 -0.20
N ALA A 30 -25.59 7.87 -1.52
CA ALA A 30 -25.60 9.24 -2.03
C ALA A 30 -26.95 9.90 -1.82
N ALA A 31 -28.04 9.21 -2.20
CA ALA A 31 -29.37 9.79 -2.01
C ALA A 31 -29.66 10.07 -0.56
N LEU A 32 -29.17 9.23 0.35
CA LEU A 32 -29.36 9.50 1.77
C LEU A 32 -28.42 10.58 2.30
N GLY A 33 -27.49 11.08 1.49
CA GLY A 33 -26.52 12.05 1.97
C GLY A 33 -25.63 11.54 3.07
N ILE A 34 -25.15 10.31 2.96
CA ILE A 34 -24.37 9.74 4.05
C ILE A 34 -23.02 9.21 3.56
N LYS A 35 -22.50 9.79 2.48
CA LYS A 35 -21.22 9.35 1.97
C LYS A 35 -20.12 9.49 3.00
N ASP A 36 -20.16 10.58 3.78
CA ASP A 36 -19.16 10.76 4.81
C ASP A 36 -19.37 9.79 5.97
N GLN A 37 -20.57 9.20 6.10
CA GLN A 37 -20.90 8.38 7.26
C GLN A 37 -20.64 6.89 7.03
N VAL A 38 -20.26 6.51 5.83
CA VAL A 38 -20.06 5.10 5.46
C VAL A 38 -18.64 4.99 4.91
N GLU A 39 -17.81 4.22 5.59
CA GLU A 39 -16.46 3.97 5.10
C GLU A 39 -16.49 2.88 4.04
N LEU A 40 -15.67 3.06 3.01
CA LEU A 40 -15.57 2.12 1.92
C LEU A 40 -14.34 1.25 2.09
N LYS A 41 -14.44 0.02 1.60
CA LYS A 41 -13.30 -0.89 1.59
C LYS A 41 -13.37 -1.63 0.27
N LEU A 42 -12.43 -1.35 -0.62
CA LEU A 42 -12.49 -1.92 -1.95
C LEU A 42 -12.22 -3.42 -1.90
N VAL A 43 -13.00 -4.18 -2.67
CA VAL A 43 -12.83 -5.61 -2.79
C VAL A 43 -12.96 -5.92 -4.27
N ARG A 44 -11.82 -5.97 -4.98
CA ARG A 44 -11.85 -6.00 -6.44
C ARG A 44 -12.12 -7.41 -6.92
N LEU A 45 -13.22 -7.57 -7.65
CA LEU A 45 -13.63 -8.89 -8.11
C LEU A 45 -12.65 -9.45 -9.14
N PHE A 46 -12.24 -8.63 -10.11
CA PHE A 46 -11.40 -9.16 -11.18
C PHE A 46 -10.00 -9.52 -10.67
N GLU A 47 -9.61 -9.00 -9.51
CA GLU A 47 -8.37 -9.43 -8.87
C GLU A 47 -8.57 -10.61 -7.93
N ARG A 48 -9.83 -11.01 -7.71
CA ARG A 48 -10.25 -12.11 -6.85
C ARG A 48 -10.00 -11.84 -5.37
N GLU A 49 -10.05 -10.57 -4.97
CA GLU A 49 -9.94 -10.23 -3.55
C GLU A 49 -11.13 -10.71 -2.74
N HIS A 50 -12.24 -11.04 -3.42
CA HIS A 50 -13.39 -11.60 -2.73
C HIS A 50 -13.21 -13.05 -2.33
N LEU A 51 -12.11 -13.69 -2.74
CA LEU A 51 -11.85 -15.08 -2.39
C LEU A 51 -10.78 -15.20 -1.30
N LEU A 52 -10.28 -14.08 -0.77
CA LEU A 52 -9.32 -14.08 0.32
C LEU A 52 -9.99 -14.61 1.58
N GLU A 53 -9.18 -15.25 2.42
CA GLU A 53 -9.71 -15.94 3.59
C GLU A 53 -10.53 -15.00 4.48
N ASP A 54 -10.01 -13.80 4.73
CA ASP A 54 -10.72 -12.86 5.59
C ASP A 54 -12.11 -12.56 5.05
N PHE A 55 -12.23 -12.34 3.73
CA PHE A 55 -13.51 -11.95 3.18
C PHE A 55 -14.47 -13.14 3.12
N VAL A 56 -13.96 -14.32 2.76
CA VAL A 56 -14.80 -15.51 2.80
C VAL A 56 -15.33 -15.75 4.20
N LYS A 57 -14.48 -15.53 5.21
CA LYS A 57 -14.96 -15.63 6.58
C LYS A 57 -16.02 -14.59 6.87
N LEU A 58 -15.85 -13.37 6.34
CA LEU A 58 -16.86 -12.33 6.51
C LEU A 58 -18.17 -12.72 5.81
N ASN A 59 -18.08 -13.35 4.65
CA ASN A 59 -19.27 -13.65 3.84
C ASN A 59 -19.02 -14.95 3.07
N PRO A 60 -19.61 -16.06 3.52
CA PRO A 60 -19.42 -17.34 2.80
C PRO A 60 -19.87 -17.32 1.35
N LEU A 61 -20.69 -16.36 0.95
CA LEU A 61 -21.10 -16.19 -0.44
C LEU A 61 -20.00 -15.55 -1.29
N HIS A 62 -18.94 -15.05 -0.65
CA HIS A 62 -17.81 -14.42 -1.32
C HIS A 62 -18.26 -13.49 -2.44
N ALA A 63 -19.11 -12.54 -2.07
CA ALA A 63 -19.74 -11.64 -3.02
C ALA A 63 -19.80 -10.25 -2.41
N VAL A 64 -19.87 -9.24 -3.27
CA VAL A 64 -20.04 -7.86 -2.82
C VAL A 64 -21.41 -7.39 -3.30
N PRO A 65 -22.05 -6.49 -2.57
CA PRO A 65 -21.52 -5.81 -1.38
C PRO A 65 -21.70 -6.51 -0.05
N VAL A 66 -20.90 -6.10 0.93
CA VAL A 66 -21.10 -6.52 2.32
C VAL A 66 -21.08 -5.27 3.19
N LEU A 67 -21.93 -5.24 4.20
CA LEU A 67 -21.92 -4.12 5.14
C LEU A 67 -21.57 -4.67 6.50
N LYS A 68 -20.58 -4.07 7.16
CA LYS A 68 -20.28 -4.43 8.53
C LYS A 68 -20.56 -3.21 9.40
N HIS A 69 -21.33 -3.38 10.45
CA HIS A 69 -21.63 -2.27 11.35
C HIS A 69 -21.62 -2.80 12.76
N ASP A 70 -20.58 -2.47 13.53
CA ASP A 70 -20.33 -3.08 14.84
C ASP A 70 -20.20 -4.58 14.56
N ASP A 71 -21.02 -5.44 15.15
CA ASP A 71 -20.93 -6.86 14.85
C ASP A 71 -21.96 -7.32 13.81
N LEU A 72 -22.81 -6.43 13.33
CA LEU A 72 -23.77 -6.79 12.30
C LEU A 72 -23.08 -6.93 10.95
N VAL A 73 -23.35 -8.03 10.25
CA VAL A 73 -22.79 -8.26 8.93
C VAL A 73 -23.93 -8.57 7.95
N LEU A 74 -24.18 -7.66 7.01
CA LEU A 74 -25.21 -7.86 5.98
C LEU A 74 -24.53 -8.26 4.67
N THR A 75 -25.08 -9.26 4.02
CA THR A 75 -24.44 -9.88 2.87
C THR A 75 -25.38 -9.90 1.69
N ASP A 76 -26.21 -8.86 1.58
CA ASP A 76 -27.05 -8.67 0.42
C ASP A 76 -27.34 -7.18 0.28
N SER A 77 -27.06 -6.64 -0.92
CA SER A 77 -27.26 -5.22 -1.19
C SER A 77 -28.63 -4.73 -0.72
N HIS A 78 -29.66 -5.57 -0.88
CA HIS A 78 -31.03 -5.15 -0.57
C HIS A 78 -31.25 -5.01 0.93
N ALA A 79 -30.68 -5.92 1.72
CA ALA A 79 -30.74 -5.78 3.17
C ALA A 79 -29.88 -4.61 3.63
N ILE A 80 -28.74 -4.39 2.98
CA ILE A 80 -27.92 -3.23 3.31
C ILE A 80 -28.70 -1.94 3.08
N ILE A 81 -29.42 -1.87 1.96
CA ILE A 81 -30.19 -0.68 1.63
C ILE A 81 -31.29 -0.42 2.66
N MET A 82 -32.07 -1.46 3.00
CA MET A 82 -33.12 -1.22 3.99
C MET A 82 -32.54 -0.86 5.34
N TYR A 83 -31.46 -1.53 5.74
CA TYR A 83 -30.83 -1.20 7.01
C TYR A 83 -30.35 0.26 7.06
N LEU A 84 -29.69 0.71 6.00
CA LEU A 84 -29.23 2.09 5.97
C LEU A 84 -30.41 3.06 6.01
N CYS A 85 -31.48 2.80 5.24
CA CYS A 85 -32.67 3.63 5.41
C CYS A 85 -33.15 3.68 6.84
N ASP A 86 -33.08 2.54 7.54
CA ASP A 86 -33.63 2.52 8.89
C ASP A 86 -32.78 3.35 9.83
N ILE A 87 -31.46 3.28 9.72
CA ILE A 87 -30.68 4.01 10.71
C ILE A 87 -30.30 5.43 10.29
N PHE A 88 -30.33 5.75 9.00
CA PHE A 88 -29.95 7.09 8.57
C PHE A 88 -31.08 7.88 7.92
N GLY A 89 -32.15 7.24 7.44
CA GLY A 89 -33.15 7.94 6.66
C GLY A 89 -34.52 8.03 7.28
N GLN A 90 -34.67 7.66 8.56
CA GLN A 90 -35.97 7.54 9.20
C GLN A 90 -36.79 8.82 9.11
N ASP A 91 -36.13 9.98 9.09
CA ASP A 91 -36.80 11.27 9.16
C ASP A 91 -36.56 12.09 7.89
N GLY A 92 -36.55 11.44 6.73
CA GLY A 92 -36.31 12.12 5.47
C GLY A 92 -37.18 11.61 4.33
N ASP A 93 -36.87 12.00 3.10
CA ASP A 93 -37.74 11.69 1.97
C ASP A 93 -37.75 10.20 1.62
N PHE A 94 -36.76 9.45 2.06
CA PHE A 94 -36.68 8.03 1.78
C PHE A 94 -37.12 7.19 2.96
N SER A 95 -37.90 7.77 3.88
CA SER A 95 -38.25 7.08 5.12
C SER A 95 -39.05 5.82 4.84
N LEU A 96 -38.80 4.78 5.63
CA LEU A 96 -39.54 3.53 5.57
C LEU A 96 -40.35 3.29 6.83
N LYS A 97 -40.69 4.35 7.58
CA LYS A 97 -41.34 4.16 8.89
C LYS A 97 -42.73 3.57 8.75
N ASP A 98 -43.49 4.00 7.74
CA ASP A 98 -44.84 3.49 7.52
C ASP A 98 -44.79 2.04 7.02
N PRO A 99 -45.50 1.12 7.67
CA PRO A 99 -45.39 -0.31 7.29
C PRO A 99 -45.79 -0.63 5.87
N LYS A 100 -46.81 0.05 5.31
CA LYS A 100 -47.20 -0.23 3.92
C LYS A 100 -46.19 0.34 2.94
N GLN A 101 -45.68 1.55 3.20
CA GLN A 101 -44.63 2.10 2.35
C GLN A 101 -43.39 1.21 2.39
N ARG A 102 -43.00 0.79 3.60
CA ARG A 102 -41.89 -0.14 3.74
C ARG A 102 -42.15 -1.38 2.90
N ALA A 103 -43.35 -1.94 2.96
CA ALA A 103 -43.64 -3.17 2.21
C ALA A 103 -43.61 -2.92 0.70
N ARG A 104 -44.15 -1.79 0.23
CA ARG A 104 -44.08 -1.45 -1.19
C ARG A 104 -42.63 -1.43 -1.69
N VAL A 105 -41.77 -0.78 -0.91
CA VAL A 105 -40.37 -0.65 -1.27
C VAL A 105 -39.69 -2.01 -1.23
N HIS A 106 -39.92 -2.77 -0.15
CA HIS A 106 -39.33 -4.09 -0.02
C HIS A 106 -39.79 -5.00 -1.14
N ASN A 107 -41.08 -4.92 -1.52
CA ASN A 107 -41.60 -5.72 -2.62
C ASN A 107 -40.84 -5.47 -3.91
N ARG A 108 -40.51 -4.19 -4.20
CA ARG A 108 -39.72 -3.95 -5.40
C ARG A 108 -38.25 -4.33 -5.22
N LEU A 109 -37.70 -4.21 -4.01
CA LEU A 109 -36.34 -4.72 -3.77
C LEU A 109 -36.29 -6.21 -4.04
N CYS A 110 -37.30 -6.95 -3.57
CA CYS A 110 -37.43 -8.37 -3.87
C CYS A 110 -37.48 -8.61 -5.37
N PHE A 111 -38.28 -7.80 -6.08
CA PHE A 111 -38.33 -7.94 -7.54
C PHE A 111 -36.93 -7.78 -8.15
N ASN A 112 -36.16 -6.80 -7.70
CA ASN A 112 -34.82 -6.65 -8.26
C ASN A 112 -33.94 -7.86 -7.91
N ASN A 113 -33.94 -8.25 -6.64
CA ASN A 113 -33.04 -9.32 -6.18
C ASN A 113 -33.36 -10.63 -6.86
N ALA A 114 -34.65 -10.99 -6.91
CA ALA A 114 -35.05 -12.33 -7.32
C ALA A 114 -35.42 -12.45 -8.78
N VAL A 115 -35.65 -11.33 -9.48
CA VAL A 115 -36.09 -11.42 -10.88
C VAL A 115 -35.09 -10.64 -11.76
N LEU A 116 -35.08 -9.32 -11.62
CA LEU A 116 -34.27 -8.51 -12.53
C LEU A 116 -32.78 -8.84 -12.41
N PHE A 117 -32.22 -8.77 -11.20
CA PHE A 117 -30.79 -9.03 -11.08
C PHE A 117 -30.44 -10.49 -11.38
N GLN A 118 -31.32 -11.44 -11.04
CA GLN A 118 -31.02 -12.84 -11.37
C GLN A 118 -30.85 -13.04 -12.86
N ARG A 119 -31.82 -12.56 -13.63
CA ARG A 119 -31.80 -12.74 -15.08
C ARG A 119 -30.69 -11.92 -15.72
N GLU A 120 -30.45 -10.72 -15.19
CA GLU A 120 -29.33 -9.89 -15.63
C GLU A 120 -28.01 -10.60 -15.44
N SER A 121 -27.79 -11.11 -14.23
CA SER A 121 -26.55 -11.73 -13.81
C SER A 121 -26.25 -12.94 -14.68
N ILE A 122 -27.25 -13.77 -14.95
CA ILE A 122 -27.04 -14.94 -15.79
C ILE A 122 -26.33 -14.54 -17.08
N VAL A 123 -26.86 -13.54 -17.77
CA VAL A 123 -26.29 -13.12 -19.04
C VAL A 123 -24.91 -12.50 -18.84
N MET A 124 -24.79 -11.58 -17.87
CA MET A 124 -23.53 -10.85 -17.74
C MET A 124 -22.39 -11.78 -17.31
N ARG A 125 -22.64 -12.64 -16.30
CA ARG A 125 -21.63 -13.64 -15.95
C ARG A 125 -21.30 -14.54 -17.14
N GLY A 126 -22.32 -14.93 -17.92
CA GLY A 126 -22.05 -15.74 -19.10
C GLY A 126 -21.06 -15.08 -20.04
N LEU A 127 -21.29 -13.81 -20.37
CA LEU A 127 -20.35 -13.14 -21.27
C LEU A 127 -18.98 -12.94 -20.62
N ILE A 128 -18.97 -12.51 -19.35
CA ILE A 128 -17.73 -12.23 -18.63
C ILE A 128 -16.81 -13.46 -18.63
N ASN A 129 -17.38 -14.65 -18.47
CA ASN A 129 -16.62 -15.89 -18.42
C ASN A 129 -16.67 -16.69 -19.71
N ARG A 130 -17.18 -16.10 -20.80
CA ARG A 130 -17.17 -16.66 -22.14
C ARG A 130 -17.99 -17.94 -22.28
N SER A 131 -18.83 -18.27 -21.29
CA SER A 131 -19.76 -19.38 -21.48
C SER A 131 -20.69 -19.11 -22.65
N ILE A 132 -21.19 -17.89 -22.78
CA ILE A 132 -21.97 -17.45 -23.92
C ILE A 132 -21.04 -16.68 -24.86
N VAL A 133 -21.16 -16.94 -26.15
CA VAL A 133 -20.38 -16.25 -27.17
C VAL A 133 -21.27 -15.37 -28.04
N THR A 134 -22.45 -15.87 -28.41
CA THR A 134 -23.43 -15.12 -29.17
C THR A 134 -24.70 -14.97 -28.35
N LEU A 135 -25.21 -13.75 -28.26
CA LEU A 135 -26.49 -13.48 -27.60
C LEU A 135 -27.61 -13.85 -28.55
N GLU A 136 -28.20 -15.03 -28.36
CA GLU A 136 -29.42 -15.31 -29.08
C GLU A 136 -30.59 -14.68 -28.35
N ASP A 137 -31.75 -14.68 -29.03
CA ASP A 137 -32.96 -14.09 -28.43
C ASP A 137 -33.33 -14.77 -27.13
N HIS A 138 -33.07 -16.08 -27.01
CA HIS A 138 -33.45 -16.83 -25.81
C HIS A 138 -32.64 -16.41 -24.59
N HIS A 139 -31.46 -15.80 -24.79
CA HIS A 139 -30.72 -15.27 -23.64
C HIS A 139 -31.42 -14.05 -23.05
N LEU A 140 -32.02 -13.23 -23.90
CA LEU A 140 -32.57 -11.95 -23.48
C LEU A 140 -34.06 -12.00 -23.20
N LYS A 141 -34.74 -13.08 -23.57
CA LYS A 141 -36.19 -13.15 -23.33
C LYS A 141 -36.56 -12.96 -21.87
N PRO A 142 -35.92 -13.65 -20.90
CA PRO A 142 -36.27 -13.38 -19.49
C PRO A 142 -36.06 -11.94 -19.07
N VAL A 143 -35.00 -11.31 -19.58
CA VAL A 143 -34.80 -9.89 -19.27
C VAL A 143 -35.94 -9.06 -19.83
N GLN A 144 -36.41 -9.38 -21.03
CA GLN A 144 -37.50 -8.61 -21.61
C GLN A 144 -38.80 -8.81 -20.84
N GLU A 145 -39.01 -10.02 -20.29
CA GLU A 145 -40.17 -10.26 -19.43
C GLU A 145 -40.11 -9.40 -18.18
N ALA A 146 -38.89 -9.27 -17.61
CA ALA A 146 -38.70 -8.39 -16.47
C ALA A 146 -38.94 -6.92 -16.86
N TYR A 147 -38.50 -6.50 -18.04
CA TYR A 147 -38.86 -5.16 -18.52
C TYR A 147 -40.38 -4.97 -18.56
N ASP A 148 -41.11 -5.98 -19.06
CA ASP A 148 -42.56 -5.88 -19.15
C ASP A 148 -43.20 -5.66 -17.77
N CYS A 149 -42.72 -6.40 -16.76
CA CYS A 149 -43.23 -6.20 -15.40
C CYS A 149 -42.93 -4.79 -14.93
N LEU A 150 -41.69 -4.35 -15.17
CA LEU A 150 -41.28 -3.01 -14.77
C LEU A 150 -42.17 -1.96 -15.44
N GLU A 151 -42.51 -2.16 -16.70
CA GLU A 151 -43.36 -1.21 -17.41
C GLU A 151 -44.73 -1.14 -16.75
N VAL A 152 -45.27 -2.28 -16.31
CA VAL A 152 -46.53 -2.25 -15.56
C VAL A 152 -46.40 -1.42 -14.27
N TYR A 153 -45.35 -1.71 -13.49
CA TYR A 153 -45.13 -0.99 -12.24
C TYR A 153 -45.04 0.52 -12.49
N LEU A 154 -44.35 0.91 -13.57
CA LEU A 154 -44.15 2.34 -13.85
C LEU A 154 -45.35 2.95 -14.56
N THR A 155 -46.29 2.12 -15.03
CA THR A 155 -47.60 2.61 -15.42
C THR A 155 -48.45 2.93 -14.21
N ASN A 156 -48.35 2.10 -13.17
CA ASN A 156 -49.19 2.31 -12.01
C ASN A 156 -48.62 3.31 -11.02
N SER A 157 -47.32 3.59 -11.06
CA SER A 157 -46.82 4.68 -10.22
C SER A 157 -45.66 5.33 -10.93
N LYS A 158 -45.32 6.55 -10.49
CA LYS A 158 -44.35 7.34 -11.24
C LYS A 158 -42.94 6.75 -11.13
N PHE A 159 -42.61 6.23 -9.96
CA PHE A 159 -41.36 5.50 -9.72
C PHE A 159 -41.70 4.04 -9.41
N VAL A 160 -40.67 3.21 -9.15
CA VAL A 160 -40.93 1.76 -9.19
C VAL A 160 -41.90 1.32 -8.10
N ALA A 161 -41.88 1.96 -6.93
CA ALA A 161 -42.66 1.48 -5.80
C ALA A 161 -43.84 2.36 -5.41
N CYS A 162 -43.85 3.62 -5.83
CA CYS A 162 -44.92 4.57 -5.50
C CYS A 162 -44.66 5.82 -6.35
N ASP A 163 -45.36 6.91 -6.06
CA ASP A 163 -45.21 8.08 -6.90
C ASP A 163 -44.00 8.92 -6.54
N GLN A 164 -43.26 8.54 -5.52
CA GLN A 164 -42.04 9.22 -5.12
C GLN A 164 -40.86 8.31 -5.38
N LEU A 165 -39.70 8.91 -5.63
CA LEU A 165 -38.47 8.14 -5.63
C LEU A 165 -38.26 7.51 -4.27
N THR A 166 -37.86 6.23 -4.26
CA THR A 166 -37.54 5.48 -3.05
C THR A 166 -36.24 4.72 -3.28
N VAL A 167 -35.73 4.10 -2.23
CA VAL A 167 -34.49 3.35 -2.41
C VAL A 167 -34.69 2.16 -3.34
N ALA A 168 -35.93 1.70 -3.53
CA ALA A 168 -36.18 0.61 -4.46
C ALA A 168 -35.82 0.99 -5.89
N ASP A 169 -35.83 2.29 -6.23
CA ASP A 169 -35.45 2.65 -7.58
C ASP A 169 -33.95 2.43 -7.83
N PHE A 170 -33.12 2.45 -6.79
CA PHE A 170 -31.67 2.43 -7.03
C PHE A 170 -31.13 1.06 -7.47
N PRO A 171 -31.43 -0.06 -6.80
CA PRO A 171 -30.94 -1.33 -7.35
C PRO A 171 -31.47 -1.58 -8.75
N ILE A 172 -32.75 -1.24 -9.01
CA ILE A 172 -33.30 -1.51 -10.32
C ILE A 172 -32.54 -0.72 -11.39
N VAL A 173 -32.31 0.58 -11.13
CA VAL A 173 -31.61 1.34 -12.15
C VAL A 173 -30.19 0.80 -12.30
N ALA A 174 -29.60 0.35 -11.18
CA ALA A 174 -28.24 -0.18 -11.26
C ALA A 174 -28.23 -1.38 -12.18
N CYS A 175 -29.25 -2.24 -12.06
N CYS A 175 -29.27 -2.21 -12.06
CA CYS A 175 -29.34 -3.37 -12.98
CA CYS A 175 -29.39 -3.35 -12.94
C CYS A 175 -29.70 -2.90 -14.38
C CYS A 175 -29.72 -2.92 -14.35
N MET A 176 -30.61 -1.93 -14.49
CA MET A 176 -31.12 -1.61 -15.80
C MET A 176 -30.02 -1.01 -16.66
N SER A 177 -29.13 -0.24 -16.03
CA SER A 177 -27.99 0.38 -16.70
C SER A 177 -26.87 -0.62 -16.97
N THR A 178 -26.96 -1.84 -16.46
CA THR A 178 -25.95 -2.84 -16.78
C THR A 178 -26.42 -3.69 -17.96
N VAL A 179 -27.55 -4.36 -17.78
CA VAL A 179 -28.05 -5.28 -18.80
C VAL A 179 -28.55 -4.50 -20.00
N GLY A 180 -28.81 -3.19 -19.82
CA GLY A 180 -29.13 -2.35 -20.94
C GLY A 180 -28.08 -2.39 -22.03
N MET A 181 -26.81 -2.59 -21.65
CA MET A 181 -25.80 -2.57 -22.70
C MET A 181 -25.85 -3.81 -23.61
N VAL A 182 -26.56 -4.87 -23.22
CA VAL A 182 -26.76 -6.02 -24.11
C VAL A 182 -28.22 -6.20 -24.52
N CYS A 183 -29.16 -5.55 -23.85
CA CYS A 183 -30.58 -5.71 -24.13
C CYS A 183 -31.21 -4.34 -23.94
N PRO A 184 -31.04 -3.44 -24.92
CA PRO A 184 -31.41 -2.04 -24.71
C PRO A 184 -32.91 -1.87 -24.63
N LEU A 185 -33.31 -0.82 -23.91
CA LEU A 185 -34.70 -0.47 -23.82
C LEU A 185 -35.18 0.16 -25.13
N SER A 186 -36.37 -0.22 -25.57
CA SER A 186 -37.05 0.46 -26.66
C SER A 186 -38.11 1.40 -26.09
N THR A 187 -38.04 2.68 -26.44
CA THR A 187 -39.11 3.62 -26.09
C THR A 187 -40.44 3.18 -26.70
N SER A 188 -40.40 2.66 -27.91
CA SER A 188 -41.58 2.06 -28.52
C SER A 188 -42.24 1.04 -27.59
N ARG A 189 -41.45 0.09 -27.10
CA ARG A 189 -41.94 -1.06 -26.35
C ARG A 189 -42.14 -0.78 -24.86
N TRP A 190 -41.26 0.02 -24.26
CA TRP A 190 -41.29 0.26 -22.82
C TRP A 190 -41.18 1.75 -22.54
N PRO A 191 -42.21 2.54 -22.92
CA PRO A 191 -42.08 4.00 -22.81
C PRO A 191 -41.99 4.49 -21.37
N LYS A 192 -42.81 3.94 -20.46
CA LYS A 192 -42.74 4.40 -19.07
C LYS A 192 -41.38 4.09 -18.47
N THR A 193 -40.80 2.94 -18.85
CA THR A 193 -39.51 2.55 -18.29
C THR A 193 -38.39 3.39 -18.89
N ALA A 194 -38.44 3.63 -20.21
CA ALA A 194 -37.43 4.51 -20.81
C ALA A 194 -37.47 5.89 -20.18
N ALA A 195 -38.66 6.45 -19.98
CA ALA A 195 -38.72 7.79 -19.39
C ALA A 195 -38.17 7.77 -17.97
N TRP A 196 -38.56 6.76 -17.18
CA TRP A 196 -38.08 6.64 -15.82
C TRP A 196 -36.55 6.54 -15.79
N PHE A 197 -35.99 5.72 -16.68
CA PHE A 197 -34.55 5.53 -16.75
C PHE A 197 -33.83 6.84 -17.05
N GLU A 198 -34.34 7.61 -18.02
CA GLU A 198 -33.73 8.91 -18.30
C GLU A 198 -33.77 9.81 -17.07
N THR A 199 -34.91 9.83 -16.36
CA THR A 199 -35.02 10.65 -15.17
C THR A 199 -33.99 10.24 -14.11
N MET A 200 -33.93 8.94 -13.80
CA MET A 200 -32.86 8.40 -12.98
C MET A 200 -31.49 8.92 -13.40
N LYS A 201 -31.17 8.80 -14.69
CA LYS A 201 -29.87 9.26 -15.19
C LYS A 201 -29.61 10.72 -14.86
N GLN A 202 -30.67 11.52 -14.68
CA GLN A 202 -30.48 12.93 -14.36
C GLN A 202 -30.19 13.20 -12.88
N LEU A 203 -30.33 12.21 -12.00
CA LEU A 203 -30.02 12.44 -10.60
C LEU A 203 -28.58 12.92 -10.45
N PRO A 204 -28.30 13.91 -9.60
CA PRO A 204 -26.95 14.49 -9.54
C PRO A 204 -25.86 13.52 -9.12
N TYR A 205 -26.20 12.50 -8.34
CA TYR A 205 -25.23 11.51 -7.87
C TYR A 205 -25.16 10.29 -8.78
N TYR A 206 -25.89 10.28 -9.89
CA TYR A 206 -25.90 9.11 -10.75
C TYR A 206 -24.54 8.88 -11.40
N GLN A 207 -23.90 9.96 -11.87
CA GLN A 207 -22.64 9.82 -12.60
C GLN A 207 -21.60 9.11 -11.75
N GLN A 208 -21.41 9.59 -10.52
CA GLN A 208 -20.37 9.04 -9.65
C GLN A 208 -20.78 7.70 -9.04
N ALA A 209 -22.03 7.58 -8.60
CA ALA A 209 -22.44 6.36 -7.90
C ALA A 209 -22.76 5.20 -8.83
N ASN A 210 -22.99 5.44 -10.11
CA ASN A 210 -23.40 4.33 -10.97
C ASN A 210 -22.66 4.33 -12.30
N GLN A 211 -22.55 5.49 -12.96
CA GLN A 211 -22.02 5.49 -14.32
C GLN A 211 -20.56 5.07 -14.35
N VAL A 212 -19.75 5.54 -13.39
CA VAL A 212 -18.35 5.14 -13.31
C VAL A 212 -18.22 3.63 -13.41
N GLY A 213 -18.96 2.91 -12.57
CA GLY A 213 -18.86 1.46 -12.54
C GLY A 213 -19.39 0.82 -13.80
N VAL A 214 -20.49 1.36 -14.35
CA VAL A 214 -21.05 0.86 -15.60
C VAL A 214 -20.03 0.99 -16.73
N ASP A 215 -19.33 2.12 -16.78
CA ASP A 215 -18.33 2.33 -17.83
C ASP A 215 -17.18 1.34 -17.69
N LYS A 216 -16.73 1.12 -16.45
CA LYS A 216 -15.72 0.11 -16.19
C LYS A 216 -16.16 -1.26 -16.72
N LEU A 217 -17.40 -1.63 -16.40
CA LEU A 217 -17.91 -2.91 -16.87
C LEU A 217 -18.02 -2.95 -18.39
N LYS A 218 -18.36 -1.82 -19.01
CA LYS A 218 -18.41 -1.75 -20.46
C LYS A 218 -17.03 -1.99 -21.07
N GLU A 219 -15.99 -1.47 -20.43
CA GLU A 219 -14.63 -1.78 -20.87
C GLU A 219 -14.37 -3.28 -20.83
N ARG A 220 -14.72 -3.93 -19.70
CA ARG A 220 -14.48 -5.38 -19.59
C ARG A 220 -15.30 -6.14 -20.63
N LEU A 221 -16.51 -5.67 -20.91
CA LEU A 221 -17.39 -6.38 -21.85
C LEU A 221 -16.92 -6.21 -23.30
N HIS A 222 -16.47 -5.00 -23.66
CA HIS A 222 -15.85 -4.83 -24.97
C HIS A 222 -14.58 -5.67 -25.09
N ALA A 223 -13.84 -5.83 -24.00
CA ALA A 223 -12.67 -6.71 -24.05
C ALA A 223 -13.06 -8.16 -24.30
N VAL A 224 -14.10 -8.65 -23.61
CA VAL A 224 -14.53 -10.02 -23.83
C VAL A 224 -15.24 -10.21 -25.15
N MET A 225 -15.66 -9.13 -25.80
CA MET A 225 -16.37 -9.21 -27.07
C MET A 225 -15.62 -8.46 -28.18
N VAL B 5 26.45 -1.83 -12.32
CA VAL B 5 25.26 -1.93 -13.18
C VAL B 5 24.05 -1.24 -12.56
N HIS B 6 23.76 -0.03 -13.02
CA HIS B 6 22.72 0.78 -12.38
C HIS B 6 21.38 0.06 -12.48
N MET B 7 20.56 0.22 -11.45
CA MET B 7 19.20 -0.28 -11.51
C MET B 7 18.33 0.83 -10.94
N MET B 8 17.09 0.95 -11.43
CA MET B 8 16.30 2.12 -11.05
C MET B 8 15.80 2.01 -9.62
N SER B 9 15.28 0.85 -9.24
CA SER B 9 14.66 0.65 -7.93
C SER B 9 15.44 -0.37 -7.10
N LYS B 10 15.05 -0.51 -5.82
CA LYS B 10 15.60 -1.63 -5.05
C LYS B 10 14.74 -2.87 -5.22
N PRO B 11 15.33 -4.06 -5.06
CA PRO B 11 14.57 -5.28 -5.26
C PRO B 11 13.46 -5.39 -4.22
N VAL B 12 12.36 -5.99 -4.64
CA VAL B 12 11.21 -6.23 -3.79
C VAL B 12 11.06 -7.74 -3.65
N LEU B 13 11.10 -8.20 -2.40
CA LEU B 13 10.98 -9.62 -2.08
C LEU B 13 9.56 -9.86 -1.57
N TYR B 14 8.80 -10.61 -2.36
CA TYR B 14 7.49 -11.12 -1.98
C TYR B 14 7.69 -12.40 -1.20
N TYR B 15 7.17 -12.44 0.03
CA TYR B 15 7.58 -13.47 0.97
C TYR B 15 6.49 -13.78 1.99
N ASP B 16 6.54 -15.00 2.51
CA ASP B 16 5.86 -15.42 3.72
C ASP B 16 6.85 -16.27 4.50
N ASP B 17 7.21 -15.86 5.72
CA ASP B 17 8.35 -16.51 6.33
C ASP B 17 8.01 -17.85 6.98
N ILE B 18 6.77 -18.33 6.87
CA ILE B 18 6.57 -19.74 7.17
C ILE B 18 7.20 -20.64 6.09
N SER B 19 7.49 -20.07 4.91
CA SER B 19 8.05 -20.86 3.81
C SER B 19 9.55 -21.07 4.00
N PRO B 20 10.03 -22.32 3.98
CA PRO B 20 11.50 -22.55 4.01
C PRO B 20 12.23 -21.88 2.86
N PRO B 21 11.76 -21.99 1.60
CA PRO B 21 12.39 -21.18 0.52
C PRO B 21 12.55 -19.69 0.88
N VAL B 22 11.48 -19.12 1.42
CA VAL B 22 11.52 -17.72 1.85
C VAL B 22 12.60 -17.54 2.92
N ARG B 23 12.64 -18.41 3.91
CA ARG B 23 13.61 -18.21 4.97
C ARG B 23 15.06 -18.40 4.48
N GLY B 24 15.29 -19.27 3.49
CA GLY B 24 16.60 -19.28 2.84
C GLY B 24 16.98 -17.91 2.33
N VAL B 25 16.02 -17.22 1.71
CA VAL B 25 16.31 -15.85 1.24
C VAL B 25 16.50 -14.88 2.42
N LEU B 26 15.64 -14.98 3.44
CA LEU B 26 15.75 -14.04 4.55
C LEU B 26 17.10 -14.17 5.25
N LEU B 27 17.55 -15.41 5.45
CA LEU B 27 18.88 -15.65 5.98
C LEU B 27 19.94 -15.04 5.09
N THR B 28 19.79 -15.20 3.77
CA THR B 28 20.78 -14.65 2.85
C THR B 28 20.84 -13.12 2.94
N VAL B 29 19.68 -12.48 3.00
CA VAL B 29 19.64 -11.02 3.13
C VAL B 29 20.37 -10.60 4.40
N ALA B 30 20.07 -11.28 5.52
CA ALA B 30 20.73 -10.91 6.77
C ALA B 30 22.24 -11.10 6.66
N ALA B 31 22.68 -12.23 6.11
CA ALA B 31 24.11 -12.52 6.03
C ALA B 31 24.85 -11.58 5.09
N LEU B 32 24.22 -11.13 4.00
CA LEU B 32 24.86 -10.17 3.12
C LEU B 32 24.78 -8.74 3.63
N GLY B 33 24.13 -8.50 4.77
CA GLY B 33 23.96 -7.16 5.28
C GLY B 33 23.25 -6.21 4.33
N ILE B 34 22.23 -6.70 3.62
CA ILE B 34 21.50 -5.87 2.67
C ILE B 34 20.04 -5.71 3.11
N LYS B 35 19.80 -5.73 4.42
CA LYS B 35 18.44 -5.48 4.91
C LYS B 35 17.88 -4.17 4.36
N ASP B 36 18.68 -3.12 4.37
CA ASP B 36 18.23 -1.79 3.93
C ASP B 36 18.23 -1.64 2.42
N GLN B 37 18.66 -2.65 1.66
CA GLN B 37 18.67 -2.56 0.21
C GLN B 37 17.62 -3.42 -0.46
N VAL B 38 16.83 -4.16 0.30
CA VAL B 38 15.80 -5.04 -0.24
C VAL B 38 14.50 -4.69 0.46
N GLU B 39 13.50 -4.28 -0.31
CA GLU B 39 12.17 -4.03 0.24
C GLU B 39 11.43 -5.34 0.41
N LEU B 40 10.70 -5.47 1.52
CA LEU B 40 9.91 -6.67 1.78
C LEU B 40 8.42 -6.39 1.53
N LYS B 41 7.74 -7.34 0.88
CA LYS B 41 6.31 -7.22 0.61
C LYS B 41 5.63 -8.51 1.03
N LEU B 42 4.84 -8.45 2.10
CA LEU B 42 4.22 -9.65 2.64
C LEU B 42 3.17 -10.20 1.68
N VAL B 43 3.27 -11.49 1.37
CA VAL B 43 2.26 -12.21 0.61
C VAL B 43 1.88 -13.42 1.45
N ARG B 44 0.74 -13.37 2.14
CA ARG B 44 0.43 -14.35 3.17
C ARG B 44 -0.24 -15.58 2.58
N LEU B 45 0.37 -16.74 2.80
CA LEU B 45 -0.10 -17.98 2.19
C LEU B 45 -1.45 -18.42 2.78
N PHE B 46 -1.56 -18.44 4.11
CA PHE B 46 -2.81 -18.94 4.66
C PHE B 46 -3.99 -18.02 4.37
N GLU B 47 -3.72 -16.73 4.16
CA GLU B 47 -4.72 -15.77 3.67
C GLU B 47 -5.05 -15.98 2.19
N ARG B 48 -4.17 -16.66 1.45
CA ARG B 48 -4.29 -16.95 0.02
C ARG B 48 -4.03 -15.71 -0.84
N GLU B 49 -3.17 -14.81 -0.36
CA GLU B 49 -2.77 -13.65 -1.15
C GLU B 49 -1.89 -14.04 -2.33
N HIS B 50 -1.33 -15.25 -2.32
CA HIS B 50 -0.57 -15.72 -3.46
C HIS B 50 -1.44 -16.18 -4.63
N LEU B 51 -2.76 -16.24 -4.47
CA LEU B 51 -3.66 -16.61 -5.56
C LEU B 51 -4.35 -15.40 -6.16
N LEU B 52 -4.08 -14.21 -5.65
CA LEU B 52 -4.57 -12.98 -6.23
C LEU B 52 -4.01 -12.77 -7.62
N GLU B 53 -4.80 -12.06 -8.44
CA GLU B 53 -4.51 -11.95 -9.87
C GLU B 53 -3.15 -11.30 -10.13
N ASP B 54 -2.81 -10.25 -9.38
CA ASP B 54 -1.53 -9.58 -9.65
C ASP B 54 -0.36 -10.50 -9.35
N PHE B 55 -0.45 -11.29 -8.27
CA PHE B 55 0.68 -12.14 -7.90
C PHE B 55 0.81 -13.32 -8.85
N VAL B 56 -0.31 -13.91 -9.25
CA VAL B 56 -0.28 -14.98 -10.25
C VAL B 56 0.28 -14.47 -11.57
N LYS B 57 -0.09 -13.24 -11.95
CA LYS B 57 0.51 -12.64 -13.13
C LYS B 57 2.02 -12.46 -12.96
N LEU B 58 2.45 -12.08 -11.76
CA LEU B 58 3.88 -11.96 -11.50
C LEU B 58 4.56 -13.32 -11.55
N ASN B 59 3.92 -14.35 -11.01
CA ASN B 59 4.49 -15.70 -10.92
C ASN B 59 3.41 -16.76 -11.11
N PRO B 60 3.32 -17.37 -12.31
CA PRO B 60 2.29 -18.40 -12.53
C PRO B 60 2.39 -19.61 -11.61
N LEU B 61 3.53 -19.86 -10.95
CA LEU B 61 3.60 -20.91 -9.94
C LEU B 61 2.91 -20.53 -8.64
N HIS B 62 2.46 -19.28 -8.50
CA HIS B 62 1.74 -18.76 -7.33
C HIS B 62 2.36 -19.25 -6.03
N ALA B 63 3.67 -19.03 -5.92
CA ALA B 63 4.46 -19.50 -4.81
C ALA B 63 5.40 -18.39 -4.36
N VAL B 64 5.84 -18.46 -3.12
CA VAL B 64 6.77 -17.48 -2.55
C VAL B 64 8.07 -18.21 -2.22
N PRO B 65 9.25 -17.57 -2.33
CA PRO B 65 9.40 -16.16 -2.65
C PRO B 65 9.46 -15.77 -4.12
N VAL B 66 9.30 -14.47 -4.35
CA VAL B 66 9.50 -13.85 -5.65
C VAL B 66 10.34 -12.60 -5.43
N LEU B 67 11.23 -12.30 -6.37
CA LEU B 67 12.01 -11.07 -6.35
C LEU B 67 11.76 -10.30 -7.62
N LYS B 68 11.39 -9.03 -7.47
CA LYS B 68 11.23 -8.14 -8.60
C LYS B 68 12.30 -7.07 -8.47
N HIS B 69 13.11 -6.90 -9.51
CA HIS B 69 14.12 -5.85 -9.54
C HIS B 69 13.97 -5.13 -10.86
N ASP B 70 13.30 -3.97 -10.83
CA ASP B 70 12.85 -3.35 -12.06
C ASP B 70 12.10 -4.37 -12.90
N ASP B 71 12.60 -4.66 -14.09
CA ASP B 71 11.94 -5.58 -15.01
C ASP B 71 12.33 -7.04 -14.80
N LEU B 72 13.23 -7.32 -13.88
CA LEU B 72 13.64 -8.71 -13.63
C LEU B 72 12.69 -9.35 -12.63
N VAL B 73 12.18 -10.53 -12.95
CA VAL B 73 11.30 -11.27 -12.02
C VAL B 73 11.89 -12.66 -11.78
N LEU B 74 12.31 -12.92 -10.55
CA LEU B 74 12.84 -14.22 -10.13
C LEU B 74 11.81 -14.96 -9.27
N THR B 75 11.51 -16.20 -9.63
CA THR B 75 10.45 -16.98 -9.01
C THR B 75 10.95 -18.30 -8.45
N ASP B 76 12.15 -18.30 -7.87
CA ASP B 76 12.68 -19.43 -7.15
C ASP B 76 13.70 -18.87 -6.16
N SER B 77 13.55 -19.26 -4.90
CA SER B 77 14.44 -18.76 -3.86
C SER B 77 15.92 -18.95 -4.20
N HIS B 78 16.26 -20.06 -4.88
CA HIS B 78 17.67 -20.34 -5.15
C HIS B 78 18.24 -19.38 -6.21
N ALA B 79 17.43 -19.04 -7.22
CA ALA B 79 17.83 -18.01 -8.17
C ALA B 79 17.91 -16.64 -7.50
N ILE B 80 16.95 -16.34 -6.62
CA ILE B 80 16.98 -15.09 -5.89
C ILE B 80 18.29 -14.97 -5.13
N ILE B 81 18.65 -16.03 -4.41
CA ILE B 81 19.86 -16.03 -3.59
C ILE B 81 21.10 -15.78 -4.45
N MET B 82 21.23 -16.50 -5.57
CA MET B 82 22.45 -16.27 -6.36
C MET B 82 22.51 -14.87 -6.93
N TYR B 83 21.36 -14.37 -7.39
CA TYR B 83 21.33 -13.03 -7.97
C TYR B 83 21.70 -11.97 -6.92
N LEU B 84 21.15 -12.09 -5.72
CA LEU B 84 21.48 -11.18 -4.63
C LEU B 84 22.98 -11.23 -4.32
N CYS B 85 23.58 -12.43 -4.33
CA CYS B 85 25.03 -12.49 -4.18
C CYS B 85 25.76 -11.73 -5.27
N ASP B 86 25.27 -11.86 -6.51
CA ASP B 86 25.97 -11.24 -7.64
C ASP B 86 25.93 -9.72 -7.54
N ILE B 87 24.79 -9.13 -7.19
CA ILE B 87 24.76 -7.66 -7.20
C ILE B 87 25.08 -7.00 -5.86
N PHE B 88 25.02 -7.73 -4.72
CA PHE B 88 25.31 -7.12 -3.44
C PHE B 88 26.49 -7.74 -2.67
N GLY B 89 26.99 -8.91 -3.08
CA GLY B 89 28.00 -9.57 -2.27
C GLY B 89 29.34 -9.86 -2.94
N GLN B 90 29.58 -9.29 -4.13
CA GLN B 90 30.82 -9.58 -4.84
C GLN B 90 32.05 -9.30 -4.01
N ASP B 91 31.99 -8.32 -3.11
CA ASP B 91 33.16 -7.82 -2.40
C ASP B 91 33.20 -8.30 -0.95
N GLY B 92 32.49 -9.36 -0.61
CA GLY B 92 32.44 -9.86 0.75
C GLY B 92 32.74 -11.34 0.87
N ASP B 93 32.41 -11.95 2.00
CA ASP B 93 32.76 -13.34 2.24
C ASP B 93 31.82 -14.33 1.57
N PHE B 94 30.68 -13.87 1.05
CA PHE B 94 29.76 -14.74 0.34
C PHE B 94 29.92 -14.59 -1.16
N SER B 95 31.00 -13.98 -1.60
CA SER B 95 31.33 -13.80 -3.02
C SER B 95 31.23 -15.10 -3.80
N LEU B 96 30.61 -15.02 -4.97
CA LEU B 96 30.56 -16.11 -5.92
C LEU B 96 31.37 -15.80 -7.17
N LYS B 97 32.42 -14.99 -7.04
CA LYS B 97 33.14 -14.55 -8.24
C LYS B 97 33.91 -15.71 -8.89
N ASP B 98 34.33 -16.70 -8.11
CA ASP B 98 35.18 -17.77 -8.61
C ASP B 98 34.30 -18.86 -9.22
N PRO B 99 34.43 -19.18 -10.51
CA PRO B 99 33.48 -20.12 -11.15
C PRO B 99 33.38 -21.48 -10.48
N LYS B 100 34.47 -22.04 -9.92
CA LYS B 100 34.34 -23.34 -9.26
C LYS B 100 33.70 -23.19 -7.90
N GLN B 101 34.01 -22.10 -7.19
CA GLN B 101 33.33 -21.84 -5.93
C GLN B 101 31.84 -21.65 -6.17
N ARG B 102 31.52 -20.87 -7.20
CA ARG B 102 30.12 -20.66 -7.55
C ARG B 102 29.44 -21.98 -7.88
N ALA B 103 30.11 -22.85 -8.63
CA ALA B 103 29.52 -24.13 -9.01
C ALA B 103 29.31 -25.03 -7.79
N ARG B 104 30.24 -25.05 -6.83
N ARG B 104 30.25 -25.05 -6.84
CA ARG B 104 30.04 -25.80 -5.59
CA ARG B 104 30.04 -25.78 -5.59
C ARG B 104 28.80 -25.30 -4.83
C ARG B 104 28.79 -25.30 -4.86
N VAL B 105 28.67 -23.98 -4.73
CA VAL B 105 27.50 -23.40 -4.07
C VAL B 105 26.23 -23.74 -4.84
N HIS B 106 26.24 -23.54 -6.15
CA HIS B 106 25.07 -23.85 -6.97
C HIS B 106 24.71 -25.32 -6.86
N ASN B 107 25.72 -26.20 -6.83
CA ASN B 107 25.47 -27.64 -6.71
C ASN B 107 24.70 -27.92 -5.43
N ARG B 108 25.09 -27.27 -4.33
CA ARG B 108 24.32 -27.52 -3.11
C ARG B 108 22.96 -26.83 -3.11
N LEU B 109 22.83 -25.70 -3.81
CA LEU B 109 21.51 -25.08 -3.94
C LEU B 109 20.58 -26.00 -4.69
N CYS B 110 21.07 -26.61 -5.78
CA CYS B 110 20.29 -27.62 -6.50
C CYS B 110 19.91 -28.79 -5.61
N PHE B 111 20.86 -29.25 -4.77
CA PHE B 111 20.52 -30.30 -3.81
C PHE B 111 19.35 -29.90 -2.93
N ASN B 112 19.35 -28.66 -2.43
CA ASN B 112 18.24 -28.26 -1.60
C ASN B 112 16.95 -28.19 -2.42
N ASN B 113 17.01 -27.61 -3.60
CA ASN B 113 15.79 -27.33 -4.36
C ASN B 113 15.16 -28.62 -4.87
N ALA B 114 16.00 -29.54 -5.37
CA ALA B 114 15.57 -30.73 -6.07
C ALA B 114 15.48 -31.97 -5.18
N VAL B 115 16.07 -31.94 -3.98
CA VAL B 115 16.13 -33.14 -3.14
C VAL B 115 15.54 -32.85 -1.77
N LEU B 116 16.21 -32.01 -1.00
CA LEU B 116 15.82 -31.83 0.39
C LEU B 116 14.48 -31.12 0.50
N PHE B 117 14.35 -29.97 -0.16
CA PHE B 117 13.07 -29.28 -0.06
C PHE B 117 11.93 -30.06 -0.73
N GLN B 118 12.21 -30.81 -1.81
CA GLN B 118 11.12 -31.58 -2.43
C GLN B 118 10.55 -32.60 -1.47
N ARG B 119 11.44 -33.34 -0.79
CA ARG B 119 11.02 -34.36 0.14
C ARG B 119 10.42 -33.76 1.39
N GLU B 120 10.96 -32.64 1.86
CA GLU B 120 10.35 -31.95 3.00
C GLU B 120 8.94 -31.51 2.67
N SER B 121 8.76 -30.85 1.53
N SER B 121 8.77 -30.84 1.53
CA SER B 121 7.50 -30.22 1.24
CA SER B 121 7.51 -30.20 1.17
C SER B 121 6.41 -31.24 0.95
C SER B 121 6.42 -31.23 0.95
N ILE B 122 6.75 -32.37 0.34
CA ILE B 122 5.75 -33.43 0.16
C ILE B 122 5.08 -33.74 1.49
N VAL B 123 5.90 -33.95 2.52
CA VAL B 123 5.40 -34.30 3.85
C VAL B 123 4.61 -33.14 4.44
N MET B 124 5.17 -31.94 4.39
CA MET B 124 4.58 -30.83 5.14
C MET B 124 3.29 -30.35 4.48
N ARG B 125 3.29 -30.18 3.16
CA ARG B 125 2.07 -29.95 2.40
C ARG B 125 1.00 -30.96 2.76
N GLY B 126 1.34 -32.26 2.69
CA GLY B 126 0.36 -33.28 3.04
C GLY B 126 -0.25 -33.08 4.41
N LEU B 127 0.58 -32.71 5.39
CA LEU B 127 0.05 -32.52 6.75
C LEU B 127 -0.81 -31.25 6.84
N ILE B 128 -0.41 -30.17 6.16
CA ILE B 128 -1.15 -28.92 6.23
C ILE B 128 -2.53 -29.07 5.61
N ASN B 129 -2.63 -29.71 4.43
CA ASN B 129 -3.93 -29.92 3.83
C ASN B 129 -4.59 -31.20 4.33
N ARG B 130 -4.26 -31.63 5.54
CA ARG B 130 -4.93 -32.74 6.25
C ARG B 130 -5.03 -34.00 5.39
N SER B 131 -4.14 -34.16 4.41
CA SER B 131 -4.11 -35.36 3.58
C SER B 131 -3.27 -36.48 4.18
N ILE B 132 -2.49 -36.19 5.21
CA ILE B 132 -1.62 -37.18 5.84
C ILE B 132 -2.08 -37.30 7.28
N VAL B 133 -2.77 -38.40 7.60
CA VAL B 133 -3.28 -38.58 8.96
C VAL B 133 -2.17 -39.01 9.89
N THR B 134 -1.47 -40.09 9.54
CA THR B 134 -0.37 -40.61 10.35
C THR B 134 0.93 -40.49 9.56
N LEU B 135 2.02 -40.22 10.28
CA LEU B 135 3.35 -40.09 9.68
C LEU B 135 4.05 -41.43 9.74
N GLU B 136 3.85 -42.24 8.70
CA GLU B 136 4.49 -43.54 8.68
C GLU B 136 5.98 -43.39 8.37
N ASP B 137 6.74 -44.44 8.69
CA ASP B 137 8.16 -44.47 8.35
C ASP B 137 8.39 -44.25 6.86
N HIS B 138 7.47 -44.73 6.01
CA HIS B 138 7.65 -44.57 4.58
C HIS B 138 7.55 -43.11 4.16
N HIS B 139 6.89 -42.27 4.97
CA HIS B 139 6.91 -40.83 4.68
C HIS B 139 8.28 -40.24 4.94
N LEU B 140 9.02 -40.78 5.90
CA LEU B 140 10.23 -40.13 6.37
C LEU B 140 11.51 -40.71 5.79
N LYS B 141 11.46 -41.90 5.19
CA LYS B 141 12.69 -42.47 4.63
C LYS B 141 13.37 -41.57 3.60
N PRO B 142 12.68 -40.94 2.64
CA PRO B 142 13.40 -40.07 1.70
C PRO B 142 14.08 -38.89 2.39
N VAL B 143 13.45 -38.32 3.39
CA VAL B 143 14.08 -37.26 4.16
C VAL B 143 15.38 -37.77 4.79
N GLN B 144 15.33 -38.98 5.37
CA GLN B 144 16.51 -39.55 6.01
C GLN B 144 17.62 -39.85 5.02
N GLU B 145 17.28 -40.27 3.80
CA GLU B 145 18.30 -40.45 2.78
C GLU B 145 18.94 -39.11 2.42
N ALA B 146 18.11 -38.06 2.34
CA ALA B 146 18.66 -36.72 2.15
C ALA B 146 19.59 -36.34 3.29
N TYR B 147 19.24 -36.72 4.52
CA TYR B 147 20.16 -36.51 5.64
C TYR B 147 21.48 -37.24 5.41
N ASP B 148 21.41 -38.50 4.94
CA ASP B 148 22.65 -39.28 4.70
C ASP B 148 23.59 -38.54 3.74
N CYS B 149 23.01 -37.98 2.68
CA CYS B 149 23.78 -37.21 1.72
C CYS B 149 24.42 -36.00 2.37
N LEU B 150 23.60 -35.23 3.10
CA LEU B 150 24.10 -34.07 3.83
C LEU B 150 25.26 -34.44 4.74
N GLU B 151 25.16 -35.58 5.41
CA GLU B 151 26.24 -36.03 6.29
C GLU B 151 27.53 -36.26 5.53
N VAL B 152 27.44 -36.90 4.35
CA VAL B 152 28.61 -37.01 3.49
C VAL B 152 29.19 -35.63 3.19
N TYR B 153 28.34 -34.71 2.70
CA TYR B 153 28.83 -33.38 2.35
C TYR B 153 29.53 -32.73 3.52
N LEU B 154 28.97 -32.84 4.72
CA LEU B 154 29.54 -32.14 5.86
C LEU B 154 30.68 -32.91 6.51
N THR B 155 30.93 -34.13 6.01
CA THR B 155 32.17 -34.85 6.34
C THR B 155 33.30 -34.38 5.45
N ASN B 156 32.98 -34.07 4.19
CA ASN B 156 34.00 -33.63 3.25
C ASN B 156 34.30 -32.14 3.32
N SER B 157 33.39 -31.35 3.92
CA SER B 157 33.58 -29.93 4.08
C SER B 157 33.02 -29.50 5.43
N LYS B 158 33.57 -28.42 5.95
CA LYS B 158 33.09 -27.87 7.21
C LYS B 158 31.63 -27.43 7.09
N PHE B 159 31.29 -26.77 5.98
CA PHE B 159 29.93 -26.34 5.67
C PHE B 159 29.46 -27.09 4.43
N VAL B 160 28.25 -26.76 3.93
CA VAL B 160 27.65 -27.68 2.97
C VAL B 160 28.39 -27.68 1.65
N ALA B 161 29.01 -26.57 1.25
CA ALA B 161 29.57 -26.46 -0.09
C ALA B 161 31.09 -26.40 -0.12
N CYS B 162 31.70 -25.97 0.96
CA CYS B 162 33.15 -25.82 1.10
C CYS B 162 33.41 -25.59 2.59
N ASP B 163 34.64 -25.23 2.93
CA ASP B 163 35.04 -25.13 4.33
C ASP B 163 34.57 -23.86 5.02
N GLN B 164 34.03 -22.90 4.27
CA GLN B 164 33.49 -21.67 4.80
C GLN B 164 31.97 -21.66 4.61
N LEU B 165 31.30 -20.94 5.49
CA LEU B 165 29.87 -20.68 5.34
C LEU B 165 29.61 -19.98 4.01
N THR B 166 28.58 -20.43 3.29
CA THR B 166 28.19 -19.84 2.01
C THR B 166 26.67 -19.76 1.94
N VAL B 167 26.15 -19.12 0.90
CA VAL B 167 24.70 -18.96 0.84
C VAL B 167 23.99 -20.30 0.70
N ALA B 168 24.69 -21.34 0.26
CA ALA B 168 24.05 -22.65 0.16
C ALA B 168 23.69 -23.22 1.52
N ASP B 169 24.34 -22.75 2.58
CA ASP B 169 23.95 -23.22 3.90
C ASP B 169 22.56 -22.71 4.30
N PHE B 170 22.10 -21.62 3.68
CA PHE B 170 20.88 -21.02 4.22
C PHE B 170 19.59 -21.73 3.77
N PRO B 171 19.37 -22.02 2.48
CA PRO B 171 18.17 -22.81 2.13
C PRO B 171 18.13 -24.15 2.84
N ILE B 172 19.29 -24.83 2.90
CA ILE B 172 19.36 -26.13 3.56
C ILE B 172 18.93 -26.03 5.03
N VAL B 173 19.47 -25.06 5.77
CA VAL B 173 19.10 -25.00 7.19
C VAL B 173 17.64 -24.57 7.33
N ALA B 174 17.18 -23.67 6.43
CA ALA B 174 15.78 -23.32 6.41
C ALA B 174 14.93 -24.57 6.28
N CYS B 175 15.35 -25.51 5.42
N CYS B 175 15.36 -25.51 5.43
CA CYS B 175 14.64 -26.77 5.27
CA CYS B 175 14.62 -26.75 5.29
C CYS B 175 14.85 -27.69 6.47
C CYS B 175 14.86 -27.70 6.46
N MET B 176 16.09 -27.76 6.97
CA MET B 176 16.39 -28.67 8.07
C MET B 176 15.56 -28.33 9.29
N SER B 177 15.37 -27.03 9.56
CA SER B 177 14.63 -26.58 10.73
C SER B 177 13.13 -26.74 10.54
N THR B 178 12.69 -27.04 9.32
CA THR B 178 11.27 -27.24 9.08
C THR B 178 10.93 -28.73 9.20
N VAL B 179 11.58 -29.55 8.37
CA VAL B 179 11.29 -30.98 8.39
C VAL B 179 11.76 -31.64 9.69
N GLY B 180 12.74 -31.05 10.37
CA GLY B 180 13.11 -31.54 11.70
C GLY B 180 11.93 -31.67 12.64
N MET B 181 10.86 -30.91 12.39
CA MET B 181 9.69 -30.99 13.26
C MET B 181 8.97 -32.33 13.12
N VAL B 182 9.11 -32.99 11.97
CA VAL B 182 8.53 -34.31 11.76
C VAL B 182 9.58 -35.40 11.65
N CYS B 183 10.82 -35.06 11.32
CA CYS B 183 11.92 -36.01 11.14
C CYS B 183 13.14 -35.46 11.85
N PRO B 184 13.16 -35.52 13.18
CA PRO B 184 14.27 -34.90 13.93
C PRO B 184 15.60 -35.56 13.62
N LEU B 185 16.65 -34.72 13.53
CA LEU B 185 17.99 -35.22 13.38
C LEU B 185 18.43 -35.97 14.63
N SER B 186 19.11 -37.09 14.44
CA SER B 186 19.74 -37.82 15.52
C SER B 186 21.24 -37.55 15.47
N THR B 187 21.79 -37.05 16.58
CA THR B 187 23.20 -36.68 16.64
C THR B 187 24.11 -37.89 16.49
N SER B 188 23.76 -39.01 17.13
CA SER B 188 24.57 -40.23 16.98
C SER B 188 24.57 -40.71 15.54
N ARG B 189 23.45 -40.54 14.82
CA ARG B 189 23.32 -41.06 13.46
C ARG B 189 23.85 -40.08 12.41
N TRP B 190 23.66 -38.78 12.61
CA TRP B 190 24.20 -37.76 11.71
C TRP B 190 24.96 -36.74 12.53
N PRO B 191 26.14 -37.12 13.04
CA PRO B 191 26.86 -36.20 13.93
C PRO B 191 27.35 -34.94 13.26
N LYS B 192 27.87 -35.05 12.03
CA LYS B 192 28.39 -33.85 11.37
C LYS B 192 27.25 -32.89 11.09
N THR B 193 26.11 -33.43 10.65
CA THR B 193 24.98 -32.57 10.30
C THR B 193 24.41 -31.92 11.53
N ALA B 194 24.37 -32.65 12.65
CA ALA B 194 23.87 -32.08 13.89
C ALA B 194 24.77 -30.95 14.36
N ALA B 195 26.09 -31.15 14.31
CA ALA B 195 26.99 -30.09 14.74
C ALA B 195 26.87 -28.87 13.85
N TRP B 196 26.79 -29.10 12.53
CA TRP B 196 26.59 -27.99 11.60
C TRP B 196 25.29 -27.24 11.94
N PHE B 197 24.23 -28.00 12.24
CA PHE B 197 22.92 -27.41 12.52
C PHE B 197 22.99 -26.49 13.73
N GLU B 198 23.67 -26.95 14.80
CA GLU B 198 23.85 -26.09 15.98
C GLU B 198 24.68 -24.86 15.64
N THR B 199 25.74 -25.03 14.85
CA THR B 199 26.54 -23.87 14.41
C THR B 199 25.67 -22.82 13.74
N MET B 200 24.82 -23.26 12.80
CA MET B 200 23.91 -22.34 12.11
C MET B 200 22.93 -21.69 13.06
N LYS B 201 22.36 -22.46 13.99
CA LYS B 201 21.48 -21.87 14.99
C LYS B 201 22.18 -20.76 15.76
N GLN B 202 23.52 -20.81 15.84
CA GLN B 202 24.21 -19.79 16.62
C GLN B 202 24.43 -18.49 15.84
N LEU B 203 24.20 -18.48 14.54
CA LEU B 203 24.42 -17.25 13.77
C LEU B 203 23.56 -16.12 14.34
N PRO B 204 24.07 -14.88 14.36
CA PRO B 204 23.35 -13.81 15.05
C PRO B 204 22.01 -13.47 14.42
N TYR B 205 21.81 -13.81 13.14
CA TYR B 205 20.57 -13.49 12.44
C TYR B 205 19.65 -14.69 12.28
N TYR B 206 19.96 -15.82 12.92
CA TYR B 206 19.16 -17.02 12.72
C TYR B 206 17.79 -16.92 13.40
N GLN B 207 17.77 -16.43 14.65
CA GLN B 207 16.53 -16.39 15.41
C GLN B 207 15.44 -15.63 14.66
N GLN B 208 15.75 -14.44 14.15
CA GLN B 208 14.68 -13.61 13.58
C GLN B 208 14.50 -13.83 12.08
N ALA B 209 15.52 -14.28 11.35
CA ALA B 209 15.35 -14.57 9.94
C ALA B 209 14.82 -15.97 9.67
N ASN B 210 14.86 -16.87 10.66
CA ASN B 210 14.44 -18.23 10.41
C ASN B 210 13.57 -18.80 11.53
N GLN B 211 13.99 -18.66 12.78
CA GLN B 211 13.22 -19.30 13.85
C GLN B 211 11.81 -18.72 13.96
N VAL B 212 11.63 -17.40 13.78
CA VAL B 212 10.29 -16.84 13.87
C VAL B 212 9.34 -17.57 12.93
N GLY B 213 9.77 -17.72 11.67
CA GLY B 213 8.91 -18.36 10.70
C GLY B 213 8.66 -19.81 11.04
N VAL B 214 9.70 -20.51 11.51
CA VAL B 214 9.56 -21.89 11.94
C VAL B 214 8.50 -22.00 13.03
N ASP B 215 8.56 -21.11 14.03
CA ASP B 215 7.61 -21.18 15.14
C ASP B 215 6.19 -20.95 14.66
N LYS B 216 6.01 -20.01 13.73
CA LYS B 216 4.66 -19.81 13.17
C LYS B 216 4.19 -21.09 12.48
N LEU B 217 5.07 -21.72 11.69
CA LEU B 217 4.67 -22.96 11.03
C LEU B 217 4.36 -24.04 12.06
N LYS B 218 5.13 -24.09 13.14
CA LYS B 218 4.90 -25.08 14.18
C LYS B 218 3.52 -24.92 14.79
N GLU B 219 3.10 -23.67 15.01
CA GLU B 219 1.74 -23.45 15.50
C GLU B 219 0.73 -23.98 14.49
N ARG B 220 0.91 -23.62 13.21
CA ARG B 220 -0.01 -24.08 12.16
C ARG B 220 -0.08 -25.59 12.10
N LEU B 221 1.04 -26.28 12.34
CA LEU B 221 1.07 -27.74 12.31
C LEU B 221 0.46 -28.36 13.57
N HIS B 222 0.75 -27.80 14.74
CA HIS B 222 0.13 -28.32 15.96
C HIS B 222 -1.38 -28.21 15.89
N ALA B 223 -1.89 -27.13 15.26
CA ALA B 223 -3.33 -26.97 15.12
C ALA B 223 -3.94 -28.06 14.23
N VAL B 224 -3.45 -28.17 12.99
CA VAL B 224 -4.04 -29.12 12.05
C VAL B 224 -3.90 -30.57 12.53
N MET B 225 -2.88 -30.86 13.33
CA MET B 225 -2.75 -32.19 13.92
C MET B 225 -3.42 -32.25 15.29
N SER C 9 10.46 11.69 8.08
CA SER C 9 10.53 10.75 6.96
C SER C 9 11.18 11.36 5.70
N LYS C 10 11.91 10.51 4.95
CA LYS C 10 12.57 10.93 3.71
C LYS C 10 11.59 10.86 2.55
N PRO C 11 11.87 11.51 1.42
CA PRO C 11 10.82 11.69 0.41
C PRO C 11 10.30 10.38 -0.17
N VAL C 12 9.00 10.34 -0.40
CA VAL C 12 8.31 9.20 -0.99
C VAL C 12 7.80 9.61 -2.37
N LEU C 13 8.21 8.87 -3.40
CA LEU C 13 7.84 9.13 -4.79
C LEU C 13 6.82 8.08 -5.22
N TYR C 14 5.59 8.54 -5.48
CA TYR C 14 4.53 7.72 -6.04
C TYR C 14 4.68 7.72 -7.56
N TYR C 15 4.91 6.53 -8.15
CA TYR C 15 5.39 6.48 -9.53
C TYR C 15 4.85 5.29 -10.32
N ASP C 16 4.82 5.48 -11.65
CA ASP C 16 4.64 4.40 -12.63
C ASP C 16 5.53 4.77 -13.81
N ASP C 17 6.56 3.96 -14.07
CA ASP C 17 7.56 4.39 -15.06
C ASP C 17 7.11 4.18 -16.50
N ILE C 18 5.83 3.84 -16.74
CA ILE C 18 5.27 4.06 -18.08
C ILE C 18 5.23 5.54 -18.41
N SER C 19 5.10 6.40 -17.40
CA SER C 19 4.76 7.81 -17.57
C SER C 19 6.01 8.63 -17.88
N PRO C 20 6.02 9.43 -18.95
CA PRO C 20 7.20 10.29 -19.21
C PRO C 20 7.48 11.24 -18.04
N PRO C 21 6.46 11.94 -17.48
CA PRO C 21 6.74 12.75 -16.27
C PRO C 21 7.48 11.99 -15.17
N VAL C 22 6.98 10.77 -14.88
CA VAL C 22 7.63 9.93 -13.88
C VAL C 22 9.07 9.66 -14.28
N ARG C 23 9.28 9.23 -15.53
CA ARG C 23 10.64 8.87 -15.93
C ARG C 23 11.58 10.08 -15.90
N GLY C 24 11.06 11.28 -16.11
CA GLY C 24 11.90 12.46 -15.95
C GLY C 24 12.41 12.57 -14.52
N VAL C 25 11.54 12.19 -13.56
CA VAL C 25 11.99 12.18 -12.16
C VAL C 25 12.97 11.03 -11.90
N LEU C 26 12.69 9.84 -12.43
CA LEU C 26 13.56 8.69 -12.17
C LEU C 26 14.95 8.94 -12.74
N LEU C 27 15.01 9.54 -13.94
CA LEU C 27 16.30 9.94 -14.51
C LEU C 27 16.99 10.96 -13.62
N THR C 28 16.23 11.92 -13.06
CA THR C 28 16.86 12.92 -12.19
C THR C 28 17.43 12.28 -10.94
N VAL C 29 16.66 11.40 -10.32
CA VAL C 29 17.11 10.69 -9.11
C VAL C 29 18.41 9.96 -9.40
N ALA C 30 18.50 9.29 -10.54
CA ALA C 30 19.73 8.56 -10.88
C ALA C 30 20.88 9.54 -11.15
N ALA C 31 20.62 10.60 -11.91
CA ALA C 31 21.64 11.59 -12.24
C ALA C 31 22.21 12.25 -10.98
N LEU C 32 21.35 12.56 -10.02
CA LEU C 32 21.80 13.20 -8.79
C LEU C 32 22.49 12.21 -7.84
N GLY C 33 22.43 10.93 -8.13
CA GLY C 33 22.96 9.91 -7.24
C GLY C 33 22.23 9.78 -5.92
N ILE C 34 20.90 9.92 -5.92
CA ILE C 34 20.16 9.90 -4.66
C ILE C 34 19.17 8.74 -4.65
N LYS C 35 19.46 7.69 -5.41
CA LYS C 35 18.57 6.54 -5.40
C LYS C 35 18.29 6.07 -3.97
N ASP C 36 19.31 6.14 -3.09
CA ASP C 36 19.11 5.65 -1.73
C ASP C 36 18.45 6.66 -0.80
N GLN C 37 18.10 7.86 -1.28
CA GLN C 37 17.45 8.88 -0.46
C GLN C 37 15.98 9.10 -0.80
N VAL C 38 15.47 8.45 -1.84
CA VAL C 38 14.07 8.55 -2.24
C VAL C 38 13.44 7.18 -2.09
N GLU C 39 12.41 7.09 -1.28
CA GLU C 39 11.61 5.87 -1.20
C GLU C 39 10.64 5.83 -2.37
N LEU C 40 10.49 4.66 -2.98
CA LEU C 40 9.63 4.50 -4.14
C LEU C 40 8.37 3.75 -3.76
N LYS C 41 7.26 4.13 -4.36
CA LYS C 41 5.97 3.48 -4.10
C LYS C 41 5.23 3.38 -5.43
N LEU C 42 4.94 2.15 -5.85
CA LEU C 42 4.29 1.92 -7.13
C LEU C 42 2.84 2.37 -7.07
N VAL C 43 2.43 3.13 -8.08
CA VAL C 43 1.04 3.52 -8.29
C VAL C 43 0.79 3.30 -9.78
N ARG C 44 0.42 2.09 -10.14
CA ARG C 44 0.39 1.67 -11.53
C ARG C 44 -0.90 2.15 -12.20
N LEU C 45 -0.75 2.86 -13.32
CA LEU C 45 -1.90 3.48 -13.99
C LEU C 45 -2.84 2.44 -14.59
N PHE C 46 -2.30 1.38 -15.20
CA PHE C 46 -3.16 0.38 -15.81
C PHE C 46 -3.82 -0.51 -14.77
N GLU C 47 -3.29 -0.56 -13.55
CA GLU C 47 -3.99 -1.10 -12.41
C GLU C 47 -4.96 -0.11 -11.79
N ARG C 48 -5.07 1.10 -12.37
CA ARG C 48 -5.92 2.17 -11.85
C ARG C 48 -5.60 2.49 -10.38
N GLU C 49 -4.35 2.30 -9.96
CA GLU C 49 -3.98 2.67 -8.60
C GLU C 49 -3.97 4.19 -8.38
N HIS C 50 -3.92 4.99 -9.45
CA HIS C 50 -3.99 6.45 -9.32
C HIS C 50 -5.40 6.96 -9.03
N LEU C 51 -6.40 6.08 -9.02
CA LEU C 51 -7.79 6.45 -8.74
C LEU C 51 -8.24 5.98 -7.36
N LEU C 52 -7.41 5.24 -6.62
CA LEU C 52 -7.77 4.83 -5.27
C LEU C 52 -7.99 6.05 -4.39
N GLU C 53 -8.89 5.93 -3.41
CA GLU C 53 -9.37 7.13 -2.73
C GLU C 53 -8.25 7.81 -1.94
N ASP C 54 -7.34 7.04 -1.35
CA ASP C 54 -6.25 7.66 -0.60
C ASP C 54 -5.31 8.46 -1.52
N PHE C 55 -5.02 7.92 -2.71
CA PHE C 55 -4.13 8.65 -3.62
C PHE C 55 -4.79 9.91 -4.16
N VAL C 56 -6.09 9.82 -4.47
CA VAL C 56 -6.81 11.00 -4.92
C VAL C 56 -6.86 12.05 -3.80
N LYS C 57 -6.99 11.59 -2.55
CA LYS C 57 -6.85 12.48 -1.40
C LYS C 57 -5.50 13.18 -1.42
N LEU C 58 -4.44 12.43 -1.74
CA LEU C 58 -3.11 13.03 -1.81
C LEU C 58 -3.00 13.99 -2.98
N ASN C 59 -3.52 13.61 -4.15
CA ASN C 59 -3.42 14.43 -5.36
C ASN C 59 -4.76 14.43 -6.09
N PRO C 60 -5.54 15.50 -5.95
CA PRO C 60 -6.83 15.56 -6.64
C PRO C 60 -6.70 15.50 -8.15
N LEU C 61 -5.50 15.70 -8.69
CA LEU C 61 -5.27 15.53 -10.12
C LEU C 61 -5.21 14.07 -10.52
N HIS C 62 -5.19 13.17 -9.53
CA HIS C 62 -5.13 11.72 -9.73
C HIS C 62 -4.13 11.34 -10.83
N ALA C 63 -2.90 11.80 -10.67
CA ALA C 63 -1.83 11.61 -11.62
C ALA C 63 -0.51 11.32 -10.90
N VAL C 64 0.40 10.65 -11.61
CA VAL C 64 1.75 10.39 -11.13
C VAL C 64 2.73 11.19 -11.98
N PRO C 65 3.89 11.61 -11.47
CA PRO C 65 4.38 11.27 -10.13
C PRO C 65 3.86 12.21 -9.05
N VAL C 66 3.92 11.74 -7.80
CA VAL C 66 3.70 12.62 -6.65
C VAL C 66 4.90 12.43 -5.73
N LEU C 67 5.36 13.49 -5.09
CA LEU C 67 6.41 13.39 -4.10
C LEU C 67 5.84 13.90 -2.78
N LYS C 68 5.84 13.06 -1.76
CA LYS C 68 5.39 13.44 -0.42
C LYS C 68 6.61 13.42 0.49
N HIS C 69 6.95 14.58 1.03
CA HIS C 69 8.06 14.76 1.96
C HIS C 69 7.48 15.40 3.21
N ASP C 70 7.18 14.57 4.21
CA ASP C 70 6.48 15.01 5.43
C ASP C 70 5.13 15.57 5.00
N ASP C 71 4.80 16.81 5.33
CA ASP C 71 3.54 17.41 4.90
C ASP C 71 3.66 18.16 3.58
N LEU C 72 4.81 18.15 2.93
CA LEU C 72 4.95 18.74 1.60
C LEU C 72 4.50 17.72 0.55
N VAL C 73 3.51 18.07 -0.27
CA VAL C 73 3.02 17.20 -1.34
C VAL C 73 3.19 17.92 -2.68
N LEU C 74 4.15 17.46 -3.46
CA LEU C 74 4.38 17.96 -4.81
C LEU C 74 3.66 17.07 -5.81
N THR C 75 2.96 17.68 -6.74
CA THR C 75 2.02 16.98 -7.63
C THR C 75 2.30 17.33 -9.10
N ASP C 76 3.58 17.53 -9.40
CA ASP C 76 4.01 17.75 -10.77
C ASP C 76 5.49 17.39 -10.85
N SER C 77 5.84 16.54 -11.83
CA SER C 77 7.20 16.04 -11.97
C SER C 77 8.24 17.15 -12.03
N HIS C 78 7.90 18.32 -12.60
CA HIS C 78 8.90 19.38 -12.76
C HIS C 78 9.21 20.06 -11.43
N ALA C 79 8.19 20.19 -10.58
CA ALA C 79 8.41 20.70 -9.22
C ALA C 79 9.15 19.66 -8.37
N ILE C 80 8.84 18.38 -8.55
CA ILE C 80 9.56 17.33 -7.83
C ILE C 80 11.04 17.39 -8.16
N ILE C 81 11.36 17.61 -9.43
CA ILE C 81 12.74 17.66 -9.87
C ILE C 81 13.46 18.87 -9.26
N MET C 82 12.85 20.06 -9.33
CA MET C 82 13.61 21.19 -8.76
C MET C 82 13.73 21.06 -7.26
N TYR C 83 12.73 20.50 -6.59
CA TYR C 83 12.86 20.34 -5.14
C TYR C 83 13.97 19.34 -4.79
N LEU C 84 14.02 18.21 -5.49
CA LEU C 84 15.10 17.24 -5.24
C LEU C 84 16.46 17.87 -5.48
N CYS C 85 16.57 18.71 -6.50
CA CYS C 85 17.82 19.44 -6.72
C CYS C 85 18.18 20.31 -5.51
N ASP C 86 17.20 21.06 -5.02
CA ASP C 86 17.45 21.98 -3.92
C ASP C 86 17.87 21.25 -2.65
N ILE C 87 17.22 20.13 -2.32
CA ILE C 87 17.54 19.51 -1.04
C ILE C 87 18.61 18.42 -1.12
N PHE C 88 18.94 17.93 -2.31
CA PHE C 88 19.99 16.92 -2.47
C PHE C 88 21.13 17.34 -3.40
N GLY C 89 21.07 18.51 -4.00
CA GLY C 89 22.16 19.00 -4.85
C GLY C 89 23.30 19.62 -4.05
N GLY C 92 27.80 21.55 -7.15
CA GLY C 92 28.23 20.36 -7.87
C GLY C 92 28.19 20.49 -9.39
N ASP C 93 27.28 19.74 -10.03
CA ASP C 93 27.17 19.76 -11.49
C ASP C 93 25.74 19.95 -11.99
N PHE C 94 24.75 19.39 -11.29
CA PHE C 94 23.35 19.66 -11.54
C PHE C 94 22.82 20.80 -10.68
N SER C 95 23.72 21.57 -10.08
CA SER C 95 23.33 22.56 -9.09
C SER C 95 22.51 23.67 -9.73
N LEU C 96 21.50 24.13 -8.98
CA LEU C 96 20.66 25.24 -9.40
C LEU C 96 20.89 26.47 -8.52
N LYS C 97 22.07 26.55 -7.89
CA LYS C 97 22.36 27.64 -6.96
C LYS C 97 22.45 28.99 -7.68
N ASP C 98 23.02 29.03 -8.89
CA ASP C 98 23.05 30.33 -9.58
C ASP C 98 21.65 30.66 -10.11
N PRO C 99 21.14 31.86 -9.84
CA PRO C 99 19.74 32.18 -10.24
C PRO C 99 19.51 32.20 -11.74
N LYS C 100 20.47 32.67 -12.54
CA LYS C 100 20.27 32.64 -13.98
C LYS C 100 20.36 31.22 -14.51
N GLN C 101 21.30 30.43 -14.00
CA GLN C 101 21.35 29.02 -14.38
C GLN C 101 20.06 28.32 -13.99
N ARG C 102 19.57 28.60 -12.78
CA ARG C 102 18.30 28.04 -12.35
C ARG C 102 17.16 28.46 -13.28
N ALA C 103 17.17 29.73 -13.70
CA ALA C 103 16.10 30.20 -14.58
C ALA C 103 16.17 29.54 -15.95
N ARG C 104 17.37 29.38 -16.51
CA ARG C 104 17.51 28.68 -17.80
C ARG C 104 16.97 27.25 -17.71
N VAL C 105 17.30 26.57 -16.62
CA VAL C 105 16.80 25.22 -16.41
C VAL C 105 15.28 25.24 -16.24
N HIS C 106 14.77 26.13 -15.38
CA HIS C 106 13.33 26.19 -15.17
C HIS C 106 12.61 26.52 -16.47
N ASN C 107 13.19 27.40 -17.28
CA ASN C 107 12.61 27.76 -18.57
C ASN C 107 12.39 26.52 -19.43
N ARG C 108 13.38 25.63 -19.44
CA ARG C 108 13.22 24.42 -20.25
C ARG C 108 12.29 23.39 -19.59
N LEU C 109 12.24 23.36 -18.26
CA LEU C 109 11.23 22.51 -17.62
C LEU C 109 9.83 22.97 -17.99
N CYS C 110 9.62 24.29 -18.01
CA CYS C 110 8.33 24.82 -18.41
C CYS C 110 8.01 24.41 -19.83
N PHE C 111 9.00 24.49 -20.72
CA PHE C 111 8.79 24.09 -22.10
C PHE C 111 8.35 22.63 -22.17
N ASN C 112 8.99 21.75 -21.39
CA ASN C 112 8.54 20.37 -21.40
C ASN C 112 7.11 20.24 -20.87
N ASN C 113 6.84 20.87 -19.72
CA ASN C 113 5.56 20.68 -19.03
C ASN C 113 4.41 21.24 -19.84
N ALA C 114 4.59 22.42 -20.42
CA ALA C 114 3.50 23.17 -21.05
C ALA C 114 3.43 22.98 -22.55
N VAL C 115 4.49 22.48 -23.18
CA VAL C 115 4.55 22.38 -24.62
C VAL C 115 4.78 20.94 -25.05
N LEU C 116 5.97 20.40 -24.75
CA LEU C 116 6.31 19.07 -25.28
C LEU C 116 5.43 17.98 -24.65
N PHE C 117 5.37 17.94 -23.32
CA PHE C 117 4.54 16.90 -22.71
C PHE C 117 3.07 17.07 -23.04
N GLN C 118 2.58 18.32 -23.12
CA GLN C 118 1.16 18.54 -23.37
C GLN C 118 0.76 17.94 -24.73
N ARG C 119 1.59 18.17 -25.75
CA ARG C 119 1.30 17.71 -27.11
C ARG C 119 1.54 16.21 -27.25
N GLU C 120 2.64 15.75 -26.68
CA GLU C 120 2.95 14.33 -26.60
C GLU C 120 1.80 13.55 -25.99
N SER C 121 1.38 13.98 -24.79
CA SER C 121 0.31 13.33 -24.06
C SER C 121 -0.98 13.30 -24.85
N ILE C 122 -1.36 14.40 -25.51
CA ILE C 122 -2.57 14.33 -26.33
C ILE C 122 -2.49 13.15 -27.29
N VAL C 123 -1.39 13.07 -28.04
CA VAL C 123 -1.28 11.97 -29.02
C VAL C 123 -1.35 10.62 -28.32
N MET C 124 -0.56 10.44 -27.24
CA MET C 124 -0.41 9.08 -26.75
C MET C 124 -1.63 8.61 -25.95
N ARG C 125 -2.28 9.49 -25.16
CA ARG C 125 -3.55 9.07 -24.57
C ARG C 125 -4.58 8.78 -25.65
N GLY C 126 -4.62 9.58 -26.72
CA GLY C 126 -5.54 9.28 -27.80
C GLY C 126 -5.32 7.90 -28.38
N LEU C 127 -4.06 7.45 -28.42
CA LEU C 127 -3.78 6.12 -28.93
C LEU C 127 -4.17 5.05 -27.91
N ILE C 128 -3.69 5.17 -26.67
CA ILE C 128 -3.98 4.14 -25.66
C ILE C 128 -5.48 3.98 -25.46
N ASN C 129 -6.22 5.09 -25.37
CA ASN C 129 -7.65 5.00 -25.11
C ASN C 129 -8.47 4.92 -26.40
N ARG C 130 -7.82 4.71 -27.54
CA ARG C 130 -8.48 4.40 -28.83
C ARG C 130 -9.31 5.56 -29.36
N SER C 131 -9.09 6.78 -28.85
CA SER C 131 -9.64 7.97 -29.49
C SER C 131 -9.13 8.10 -30.92
N ILE C 132 -7.82 7.92 -31.11
CA ILE C 132 -7.18 7.98 -32.41
C ILE C 132 -6.97 6.55 -32.86
N VAL C 133 -7.61 6.17 -33.95
CA VAL C 133 -7.45 4.83 -34.51
C VAL C 133 -6.43 4.88 -35.64
N THR C 134 -6.41 5.99 -36.39
CA THR C 134 -5.45 6.17 -37.48
C THR C 134 -4.73 7.51 -37.31
N LEU C 135 -3.41 7.44 -37.16
CA LEU C 135 -2.56 8.63 -37.02
C LEU C 135 -2.37 9.34 -38.36
N GLU C 136 -2.75 10.60 -38.41
CA GLU C 136 -2.51 11.43 -39.58
C GLU C 136 -1.45 12.49 -39.26
N ASP C 137 -0.96 13.16 -40.30
CA ASP C 137 0.06 14.18 -40.11
C ASP C 137 -0.44 15.30 -39.19
N HIS C 138 -1.74 15.60 -39.22
CA HIS C 138 -2.24 16.69 -38.40
C HIS C 138 -2.20 16.34 -36.91
N HIS C 139 -2.27 15.05 -36.57
CA HIS C 139 -2.07 14.65 -35.18
C HIS C 139 -0.67 15.02 -34.71
N LEU C 140 0.31 14.93 -35.61
CA LEU C 140 1.71 15.04 -35.26
C LEU C 140 2.30 16.42 -35.48
N LYS C 141 1.60 17.30 -36.22
CA LYS C 141 2.10 18.66 -36.44
C LYS C 141 2.52 19.39 -35.16
N PRO C 142 1.72 19.42 -34.07
CA PRO C 142 2.19 20.13 -32.86
C PRO C 142 3.43 19.53 -32.21
N VAL C 143 3.58 18.20 -32.20
CA VAL C 143 4.81 17.61 -31.65
C VAL C 143 5.99 17.95 -32.54
N GLN C 144 5.78 18.00 -33.85
CA GLN C 144 6.86 18.38 -34.75
C GLN C 144 7.24 19.86 -34.59
N GLU C 145 6.26 20.71 -34.30
CA GLU C 145 6.60 22.10 -33.98
C GLU C 145 7.41 22.18 -32.70
N ALA C 146 7.09 21.31 -31.72
CA ALA C 146 7.91 21.25 -30.51
C ALA C 146 9.33 20.75 -30.80
N TYR C 147 9.47 19.75 -31.68
CA TYR C 147 10.79 19.32 -32.15
C TYR C 147 11.55 20.50 -32.74
N ASP C 148 10.88 21.30 -33.57
CA ASP C 148 11.52 22.47 -34.18
C ASP C 148 12.05 23.42 -33.12
N CYS C 149 11.25 23.68 -32.08
CA CYS C 149 11.75 24.51 -30.97
C CYS C 149 12.95 23.86 -30.29
N LEU C 150 12.86 22.56 -30.00
CA LEU C 150 13.95 21.84 -29.37
C LEU C 150 15.23 21.92 -30.22
N GLU C 151 15.08 21.82 -31.54
CA GLU C 151 16.23 21.90 -32.44
C GLU C 151 16.90 23.26 -32.37
N VAL C 152 16.10 24.32 -32.26
CA VAL C 152 16.69 25.65 -32.04
C VAL C 152 17.50 25.66 -30.75
N TYR C 153 16.87 25.23 -29.66
CA TYR C 153 17.54 25.24 -28.36
C TYR C 153 18.87 24.47 -28.43
N LEU C 154 18.86 23.30 -29.04
CA LEU C 154 20.05 22.47 -29.12
C LEU C 154 21.04 22.98 -30.17
N THR C 155 20.64 23.94 -30.99
CA THR C 155 21.60 24.63 -31.82
C THR C 155 22.33 25.71 -31.02
N ASN C 156 21.65 26.34 -30.06
CA ASN C 156 22.28 27.41 -29.29
C ASN C 156 23.08 26.91 -28.09
N SER C 157 22.91 25.65 -27.70
CA SER C 157 23.70 25.10 -26.61
C SER C 157 23.75 23.59 -26.77
N LYS C 158 24.76 22.99 -26.15
CA LYS C 158 25.01 21.56 -26.34
C LYS C 158 23.89 20.72 -25.75
N PHE C 159 23.31 21.15 -24.63
CA PHE C 159 22.17 20.48 -24.02
C PHE C 159 20.99 21.45 -23.98
N VAL C 160 19.86 21.03 -23.42
CA VAL C 160 18.63 21.77 -23.70
C VAL C 160 18.64 23.16 -23.06
N ALA C 161 19.36 23.34 -21.95
CA ALA C 161 19.33 24.59 -21.21
C ALA C 161 20.65 25.33 -21.19
N CYS C 162 21.76 24.66 -21.44
CA CYS C 162 23.08 25.28 -21.51
C CYS C 162 24.03 24.23 -22.10
N ASP C 163 25.33 24.49 -22.03
CA ASP C 163 26.26 23.55 -22.64
C ASP C 163 26.52 22.32 -21.78
N GLN C 164 26.05 22.29 -20.54
CA GLN C 164 26.15 21.11 -19.69
C GLN C 164 24.80 20.42 -19.58
N LEU C 165 24.84 19.10 -19.37
CA LEU C 165 23.66 18.35 -18.99
C LEU C 165 23.11 18.87 -17.66
N THR C 166 21.81 19.16 -17.65
CA THR C 166 21.11 19.59 -16.44
C THR C 166 19.85 18.75 -16.27
N VAL C 167 19.16 18.93 -15.15
CA VAL C 167 17.95 18.14 -14.94
C VAL C 167 16.88 18.48 -15.98
N ALA C 168 16.99 19.62 -16.66
CA ALA C 168 15.99 19.95 -17.68
C ALA C 168 16.05 18.99 -18.85
N ASP C 169 17.20 18.35 -19.07
CA ASP C 169 17.27 17.38 -20.15
C ASP C 169 16.40 16.16 -19.87
N PHE C 170 16.10 15.88 -18.60
CA PHE C 170 15.53 14.55 -18.37
C PHE C 170 14.04 14.48 -18.69
N PRO C 171 13.20 15.43 -18.23
CA PRO C 171 11.79 15.36 -18.64
C PRO C 171 11.63 15.34 -20.14
N ILE C 172 12.43 16.16 -20.82
CA ILE C 172 12.34 16.27 -22.28
C ILE C 172 12.71 14.94 -22.94
N VAL C 173 13.82 14.32 -22.52
CA VAL C 173 14.16 13.04 -23.15
C VAL C 173 13.13 11.99 -22.80
N ALA C 174 12.54 12.04 -21.59
CA ALA C 174 11.49 11.08 -21.28
C ALA C 174 10.33 11.26 -22.24
N CYS C 175 10.03 12.52 -22.59
CA CYS C 175 8.96 12.75 -23.56
C CYS C 175 9.40 12.29 -24.95
N MET C 176 10.62 12.66 -25.35
CA MET C 176 11.07 12.36 -26.72
C MET C 176 11.05 10.86 -27.00
N SER C 177 11.46 10.06 -26.01
CA SER C 177 11.52 8.62 -26.17
C SER C 177 10.16 7.96 -26.11
N THR C 178 9.14 8.70 -25.71
CA THR C 178 7.77 8.21 -25.70
C THR C 178 7.15 8.46 -27.06
N VAL C 179 6.91 9.74 -27.39
CA VAL C 179 6.23 10.06 -28.65
C VAL C 179 7.12 9.71 -29.83
N GLY C 180 8.43 9.53 -29.61
CA GLY C 180 9.30 9.08 -30.68
C GLY C 180 8.82 7.81 -31.35
N MET C 181 8.07 6.97 -30.61
CA MET C 181 7.65 5.71 -31.20
C MET C 181 6.53 5.89 -32.22
N VAL C 182 5.83 7.02 -32.20
CA VAL C 182 4.84 7.34 -33.23
C VAL C 182 5.21 8.59 -34.04
N CYS C 183 6.24 9.34 -33.65
CA CYS C 183 6.63 10.56 -34.35
C CYS C 183 8.14 10.64 -34.31
N PRO C 184 8.82 9.79 -35.09
CA PRO C 184 10.25 9.59 -34.90
C PRO C 184 11.06 10.81 -35.34
N LEU C 185 12.14 11.02 -34.61
CA LEU C 185 13.15 11.99 -34.98
C LEU C 185 13.87 11.51 -36.23
N SER C 186 14.29 12.46 -37.05
CA SER C 186 15.11 12.18 -38.22
C SER C 186 16.31 13.11 -38.22
N THR C 187 17.47 12.56 -38.61
CA THR C 187 18.68 13.36 -38.68
C THR C 187 18.60 14.41 -39.78
N SER C 188 17.91 14.10 -40.88
CA SER C 188 17.79 15.09 -41.95
C SER C 188 17.01 16.32 -41.49
N ARG C 189 15.94 16.10 -40.72
CA ARG C 189 15.07 17.20 -40.30
C ARG C 189 15.51 17.84 -38.98
N TRP C 190 15.98 17.05 -38.02
CA TRP C 190 16.36 17.56 -36.69
C TRP C 190 17.72 16.98 -36.29
N PRO C 191 18.79 17.39 -36.97
CA PRO C 191 20.10 16.79 -36.66
C PRO C 191 20.61 17.09 -35.25
N LYS C 192 20.47 18.32 -34.75
CA LYS C 192 20.97 18.61 -33.40
C LYS C 192 20.21 17.81 -32.37
N THR C 193 18.90 17.69 -32.57
CA THR C 193 18.07 16.96 -31.62
C THR C 193 18.36 15.46 -31.69
N ALA C 194 18.46 14.91 -32.90
CA ALA C 194 18.76 13.48 -33.03
C ALA C 194 20.09 13.15 -32.36
N ALA C 195 21.10 14.01 -32.55
CA ALA C 195 22.39 13.74 -31.93
C ALA C 195 22.30 13.83 -30.40
N TRP C 196 21.59 14.85 -29.90
CA TRP C 196 21.44 14.99 -28.45
C TRP C 196 20.72 13.79 -27.85
N PHE C 197 19.70 13.28 -28.55
CA PHE C 197 18.95 12.09 -28.15
C PHE C 197 19.88 10.88 -28.05
N GLU C 198 20.73 10.69 -29.05
CA GLU C 198 21.69 9.58 -28.96
C GLU C 198 22.60 9.73 -27.74
N THR C 199 23.10 10.95 -27.50
CA THR C 199 23.90 11.23 -26.31
C THR C 199 23.18 10.83 -25.03
N MET C 200 21.97 11.37 -24.81
CA MET C 200 21.10 10.95 -23.70
C MET C 200 21.01 9.44 -23.57
N LYS C 201 20.78 8.73 -24.69
CA LYS C 201 20.64 7.29 -24.65
C LYS C 201 21.90 6.63 -24.11
N GLN C 202 23.04 7.30 -24.26
CA GLN C 202 24.30 6.75 -23.81
C GLN C 202 24.47 6.75 -22.28
N LEU C 203 23.69 7.53 -21.53
CA LEU C 203 23.97 7.68 -20.08
C LEU C 203 23.79 6.36 -19.34
N PRO C 204 24.60 6.08 -18.32
CA PRO C 204 24.54 4.76 -17.67
C PRO C 204 23.18 4.42 -17.09
N TYR C 205 22.40 5.40 -16.64
CA TYR C 205 21.13 5.12 -16.00
C TYR C 205 19.94 5.16 -16.94
N TYR C 206 20.17 5.38 -18.25
CA TYR C 206 19.05 5.55 -19.18
C TYR C 206 18.25 4.26 -19.36
N GLN C 207 18.94 3.12 -19.45
CA GLN C 207 18.24 1.85 -19.71
C GLN C 207 17.17 1.58 -18.66
N GLN C 208 17.55 1.52 -17.39
CA GLN C 208 16.58 1.14 -16.36
C GLN C 208 15.69 2.30 -15.94
N ALA C 209 16.22 3.53 -15.90
CA ALA C 209 15.41 4.65 -15.45
C ALA C 209 14.49 5.20 -16.54
N ASN C 210 14.66 4.80 -17.80
CA ASN C 210 13.80 5.30 -18.85
C ASN C 210 13.41 4.25 -19.87
N GLN C 211 14.39 3.49 -20.37
CA GLN C 211 14.09 2.60 -21.48
C GLN C 211 13.07 1.54 -21.07
N VAL C 212 13.20 1.00 -19.86
CA VAL C 212 12.31 -0.06 -19.41
C VAL C 212 10.85 0.39 -19.47
N GLY C 213 10.58 1.57 -18.93
CA GLY C 213 9.20 2.08 -18.96
C GLY C 213 8.74 2.37 -20.38
N VAL C 214 9.66 2.84 -21.23
CA VAL C 214 9.30 3.07 -22.62
C VAL C 214 8.87 1.76 -23.26
N ASP C 215 9.61 0.68 -22.99
CA ASP C 215 9.33 -0.62 -23.57
C ASP C 215 7.99 -1.16 -23.09
N LYS C 216 7.69 -0.96 -21.80
CA LYS C 216 6.37 -1.33 -21.28
C LYS C 216 5.27 -0.60 -22.05
N LEU C 217 5.41 0.72 -22.18
CA LEU C 217 4.39 1.45 -22.93
C LEU C 217 4.29 0.93 -24.35
N LYS C 218 5.43 0.62 -24.96
CA LYS C 218 5.47 0.18 -26.36
C LYS C 218 4.71 -1.13 -26.53
N GLU C 219 4.84 -2.04 -25.55
CA GLU C 219 4.04 -3.26 -25.57
C GLU C 219 2.56 -2.94 -25.46
N ARG C 220 2.19 -2.05 -24.54
CA ARG C 220 0.77 -1.66 -24.46
C ARG C 220 0.28 -1.10 -25.79
N LEU C 221 1.11 -0.34 -26.48
CA LEU C 221 0.69 0.29 -27.73
C LEU C 221 0.51 -0.75 -28.83
N HIS C 222 1.48 -1.68 -28.96
CA HIS C 222 1.30 -2.81 -29.87
C HIS C 222 -0.01 -3.52 -29.61
N ALA C 223 -0.32 -3.77 -28.32
CA ALA C 223 -1.59 -4.41 -28.00
C ALA C 223 -2.78 -3.59 -28.48
N VAL C 224 -2.71 -2.26 -28.33
CA VAL C 224 -3.84 -1.42 -28.70
C VAL C 224 -3.88 -1.18 -30.22
N MET C 225 -2.74 -0.85 -30.82
CA MET C 225 -2.67 -0.70 -32.28
C MET C 225 -2.60 -2.07 -32.94
N HIS D 6 19.93 -8.86 16.31
CA HIS D 6 19.66 -8.75 14.88
C HIS D 6 18.20 -9.06 14.57
N MET D 7 17.51 -8.07 14.02
CA MET D 7 16.12 -8.17 13.63
C MET D 7 16.00 -8.33 12.12
N MET D 8 15.01 -9.12 11.70
CA MET D 8 14.86 -9.46 10.29
C MET D 8 14.40 -8.25 9.47
N SER D 9 13.44 -7.49 9.99
CA SER D 9 12.88 -6.35 9.29
C SER D 9 13.01 -5.11 10.16
N LYS D 10 12.72 -3.95 9.56
CA LYS D 10 12.72 -2.72 10.33
C LYS D 10 11.42 -2.57 11.11
N PRO D 11 11.45 -1.84 12.23
CA PRO D 11 10.21 -1.56 12.96
C PRO D 11 9.21 -0.81 12.09
N VAL D 12 7.94 -1.14 12.27
CA VAL D 12 6.83 -0.54 11.54
C VAL D 12 5.92 0.14 12.56
N LEU D 13 5.78 1.45 12.45
CA LEU D 13 4.93 2.24 13.35
C LEU D 13 3.60 2.52 12.66
N TYR D 14 2.53 1.92 13.18
CA TYR D 14 1.17 2.23 12.78
C TYR D 14 0.72 3.47 13.57
N TYR D 15 0.35 4.52 12.85
CA TYR D 15 0.26 5.81 13.51
C TYR D 15 -0.80 6.69 12.85
N ASP D 16 -1.29 7.65 13.62
CA ASP D 16 -2.04 8.79 13.11
C ASP D 16 -1.53 9.98 13.88
N ASP D 17 -0.94 10.95 13.18
CA ASP D 17 -0.18 11.98 13.89
C ASP D 17 -1.08 13.02 14.55
N ILE D 18 -2.40 12.91 14.44
CA ILE D 18 -3.25 13.76 15.26
C ILE D 18 -3.17 13.35 16.74
N SER D 19 -2.76 12.11 17.02
CA SER D 19 -2.75 11.52 18.36
C SER D 19 -1.52 11.95 19.16
N PRO D 20 -1.68 12.42 20.41
CA PRO D 20 -0.49 12.79 21.22
C PRO D 20 0.40 11.59 21.50
N PRO D 21 -0.13 10.43 21.93
CA PRO D 21 0.72 9.23 22.00
C PRO D 21 1.59 9.01 20.76
N VAL D 22 0.95 9.07 19.58
CA VAL D 22 1.67 8.91 18.32
C VAL D 22 2.80 9.93 18.22
N ARG D 23 2.50 11.20 18.52
CA ARG D 23 3.52 12.23 18.32
C ARG D 23 4.64 12.14 19.36
N GLY D 24 4.37 11.57 20.53
CA GLY D 24 5.47 11.27 21.44
C GLY D 24 6.44 10.28 20.83
N VAL D 25 5.90 9.27 20.12
CA VAL D 25 6.80 8.38 19.39
C VAL D 25 7.53 9.14 18.28
N LEU D 26 6.80 9.96 17.52
CA LEU D 26 7.42 10.61 16.36
C LEU D 26 8.55 11.54 16.78
N LEU D 27 8.31 12.34 17.83
CA LEU D 27 9.36 13.11 18.46
C LEU D 27 10.54 12.23 18.87
N THR D 28 10.27 11.12 19.54
CA THR D 28 11.36 10.24 19.97
C THR D 28 12.18 9.75 18.77
N VAL D 29 11.49 9.35 17.69
CA VAL D 29 12.15 8.88 16.47
C VAL D 29 13.02 9.99 15.87
N ALA D 30 12.50 11.20 15.85
CA ALA D 30 13.31 12.31 15.33
C ALA D 30 14.53 12.54 16.20
N ALA D 31 14.33 12.62 17.52
CA ALA D 31 15.42 12.93 18.45
C ALA D 31 16.51 11.87 18.41
N LEU D 32 16.13 10.61 18.23
CA LEU D 32 17.08 9.53 18.07
C LEU D 32 17.72 9.48 16.68
N GLY D 33 17.18 10.24 15.73
CA GLY D 33 17.69 10.24 14.37
C GLY D 33 17.48 8.94 13.63
N ILE D 34 16.37 8.24 13.87
CA ILE D 34 16.17 6.92 13.27
C ILE D 34 15.01 6.92 12.27
N LYS D 35 14.61 8.11 11.78
CA LYS D 35 13.57 8.20 10.76
C LYS D 35 13.74 7.17 9.65
N ASP D 36 14.97 6.98 9.16
CA ASP D 36 15.24 6.04 8.10
C ASP D 36 15.29 4.59 8.56
N GLN D 37 15.22 4.30 9.85
CA GLN D 37 15.19 2.92 10.31
C GLN D 37 13.81 2.47 10.76
N VAL D 38 12.79 3.34 10.69
CA VAL D 38 11.45 3.03 11.17
C VAL D 38 10.46 3.29 10.05
N GLU D 39 9.72 2.25 9.65
CA GLU D 39 8.72 2.40 8.59
C GLU D 39 7.43 2.94 9.19
N LEU D 40 6.85 3.95 8.56
CA LEU D 40 5.60 4.54 9.01
C LEU D 40 4.44 3.92 8.22
N LYS D 41 3.34 3.64 8.92
CA LYS D 41 2.14 3.11 8.28
C LYS D 41 0.94 3.85 8.85
N LEU D 42 0.26 4.60 7.99
CA LEU D 42 -0.83 5.45 8.42
C LEU D 42 -2.08 4.62 8.71
N VAL D 43 -2.62 4.76 9.92
CA VAL D 43 -3.89 4.16 10.34
C VAL D 43 -4.78 5.32 10.74
N ARG D 44 -5.67 5.75 9.84
CA ARG D 44 -6.31 7.05 10.01
C ARG D 44 -7.52 6.93 10.92
N LEU D 45 -7.44 7.55 12.10
CA LEU D 45 -8.51 7.46 13.09
C LEU D 45 -9.85 7.94 12.52
N PHE D 46 -9.85 9.07 11.82
CA PHE D 46 -11.13 9.60 11.32
C PHE D 46 -11.70 8.79 10.17
N GLU D 47 -10.92 7.89 9.58
N GLU D 47 -10.93 7.88 9.58
CA GLU D 47 -11.42 6.89 8.65
CA GLU D 47 -11.47 6.90 8.66
C GLU D 47 -11.84 5.61 9.35
C GLU D 47 -11.80 5.58 9.35
N ARG D 48 -11.69 5.55 10.68
CA ARG D 48 -12.00 4.36 11.49
C ARG D 48 -11.10 3.17 11.14
N GLU D 49 -9.91 3.43 10.59
CA GLU D 49 -9.06 2.33 10.16
C GLU D 49 -8.46 1.57 11.34
N HIS D 50 -8.52 2.15 12.54
CA HIS D 50 -8.10 1.44 13.74
C HIS D 50 -9.09 0.38 14.19
N LEU D 51 -10.27 0.33 13.56
CA LEU D 51 -11.29 -0.66 13.87
C LEU D 51 -11.42 -1.73 12.78
N LEU D 52 -10.63 -1.66 11.72
CA LEU D 52 -10.65 -2.72 10.71
C LEU D 52 -10.11 -4.01 11.31
N GLU D 53 -10.61 -5.15 10.80
CA GLU D 53 -10.35 -6.45 11.41
C GLU D 53 -8.85 -6.72 11.56
N ASP D 54 -8.06 -6.49 10.49
CA ASP D 54 -6.63 -6.81 10.51
C ASP D 54 -5.92 -6.07 11.64
N PHE D 55 -6.25 -4.79 11.82
CA PHE D 55 -5.59 -3.99 12.84
C PHE D 55 -6.05 -4.39 14.24
N VAL D 56 -7.31 -4.82 14.38
CA VAL D 56 -7.79 -5.27 15.68
C VAL D 56 -7.12 -6.58 16.06
N LYS D 57 -6.89 -7.46 15.08
CA LYS D 57 -6.07 -8.64 15.30
C LYS D 57 -4.67 -8.25 15.75
N LEU D 58 -4.12 -7.18 15.17
CA LEU D 58 -2.80 -6.73 15.60
C LEU D 58 -2.83 -6.16 17.01
N ASN D 59 -3.83 -5.36 17.33
CA ASN D 59 -3.96 -4.71 18.64
C ASN D 59 -5.42 -4.72 19.09
N PRO D 60 -5.80 -5.58 20.03
CA PRO D 60 -7.21 -5.59 20.46
C PRO D 60 -7.66 -4.29 21.12
N LEU D 61 -6.72 -3.45 21.55
CA LEU D 61 -7.09 -2.14 22.06
C LEU D 61 -7.55 -1.19 20.98
N HIS D 62 -7.39 -1.58 19.70
CA HIS D 62 -7.79 -0.81 18.52
C HIS D 62 -7.43 0.67 18.66
N ALA D 63 -6.13 0.91 18.86
CA ALA D 63 -5.65 2.26 19.13
C ALA D 63 -4.25 2.39 18.54
N VAL D 64 -3.87 3.64 18.26
CA VAL D 64 -2.54 3.96 17.75
C VAL D 64 -1.78 4.72 18.83
N PRO D 65 -0.43 4.65 18.87
CA PRO D 65 0.40 3.91 17.91
C PRO D 65 0.57 2.43 18.22
N VAL D 66 0.96 1.67 17.21
CA VAL D 66 1.42 0.30 17.41
C VAL D 66 2.77 0.17 16.74
N LEU D 67 3.69 -0.59 17.34
CA LEU D 67 4.98 -0.85 16.72
C LEU D 67 5.08 -2.35 16.52
N LYS D 68 5.32 -2.76 15.28
CA LYS D 68 5.59 -4.16 14.96
C LYS D 68 7.05 -4.28 14.54
N HIS D 69 7.80 -5.12 15.24
CA HIS D 69 9.21 -5.34 14.94
C HIS D 69 9.38 -6.85 14.88
N ASP D 70 9.34 -7.40 13.67
CA ASP D 70 9.24 -8.84 13.44
C ASP D 70 8.03 -9.36 14.22
N ASP D 71 8.27 -10.25 15.18
CA ASP D 71 7.22 -10.84 16.01
C ASP D 71 6.92 -10.04 17.27
N LEU D 72 7.64 -8.96 17.54
CA LEU D 72 7.32 -8.10 18.68
C LEU D 72 6.20 -7.13 18.29
N VAL D 73 5.17 -7.03 19.12
CA VAL D 73 4.05 -6.12 18.85
C VAL D 73 3.82 -5.29 20.11
N LEU D 74 4.16 -4.01 20.05
CA LEU D 74 3.96 -3.09 21.16
C LEU D 74 2.75 -2.22 20.90
N THR D 75 1.91 -2.10 21.90
CA THR D 75 0.62 -1.46 21.75
C THR D 75 0.42 -0.37 22.78
N ASP D 76 1.50 0.32 23.11
CA ASP D 76 1.41 1.53 23.92
C ASP D 76 2.58 2.42 23.57
N SER D 77 2.30 3.71 23.35
CA SER D 77 3.36 4.61 22.89
C SER D 77 4.55 4.64 23.85
N HIS D 78 4.31 4.50 25.17
CA HIS D 78 5.40 4.60 26.14
C HIS D 78 6.30 3.37 26.10
N ALA D 79 5.71 2.19 25.89
CA ALA D 79 6.49 0.98 25.64
C ALA D 79 7.30 1.09 24.37
N ILE D 80 6.70 1.70 23.33
CA ILE D 80 7.39 1.88 22.06
C ILE D 80 8.60 2.78 22.24
N ILE D 81 8.44 3.85 23.02
CA ILE D 81 9.52 4.80 23.21
C ILE D 81 10.69 4.17 23.96
N MET D 82 10.40 3.42 25.05
CA MET D 82 11.59 2.88 25.72
C MET D 82 12.24 1.78 24.89
N TYR D 83 11.46 1.00 24.13
CA TYR D 83 12.07 -0.01 23.27
C TYR D 83 12.97 0.64 22.22
N LEU D 84 12.49 1.72 21.58
CA LEU D 84 13.32 2.37 20.58
C LEU D 84 14.61 2.92 21.22
N CYS D 85 14.52 3.46 22.43
CA CYS D 85 15.73 3.85 23.13
C CYS D 85 16.68 2.69 23.31
N ASP D 86 16.14 1.53 23.68
CA ASP D 86 17.03 0.41 24.00
C ASP D 86 17.76 -0.10 22.76
N ILE D 87 17.06 -0.16 21.62
CA ILE D 87 17.70 -0.75 20.45
C ILE D 87 18.37 0.27 19.53
N PHE D 88 18.11 1.56 19.68
CA PHE D 88 18.73 2.57 18.83
C PHE D 88 19.47 3.68 19.58
N GLY D 89 19.24 3.88 20.88
CA GLY D 89 19.75 5.07 21.51
C GLY D 89 20.74 4.84 22.65
N GLN D 90 21.35 3.65 22.69
CA GLN D 90 22.19 3.31 23.84
C GLN D 90 23.44 4.17 23.93
N ASP D 91 23.96 4.63 22.79
CA ASP D 91 25.25 5.31 22.80
C ASP D 91 25.11 6.81 22.60
N GLY D 92 23.92 7.36 22.81
CA GLY D 92 23.71 8.78 22.64
C GLY D 92 23.07 9.49 23.81
N ASP D 93 22.63 10.72 23.56
CA ASP D 93 22.10 11.59 24.59
C ASP D 93 20.80 11.08 25.23
N PHE D 94 20.11 10.10 24.62
CA PHE D 94 18.84 9.61 25.16
C PHE D 94 18.96 8.22 25.76
N SER D 95 20.18 7.77 26.03
CA SER D 95 20.43 6.44 26.59
C SER D 95 19.71 6.24 27.92
N LEU D 96 19.15 5.04 28.08
CA LEU D 96 18.54 4.58 29.33
C LEU D 96 19.34 3.45 29.96
N LYS D 97 20.65 3.39 29.69
CA LYS D 97 21.48 2.31 30.23
C LYS D 97 21.54 2.35 31.75
N ASP D 98 21.56 3.55 32.34
CA ASP D 98 21.67 3.66 33.78
C ASP D 98 20.33 3.36 34.45
N PRO D 99 20.26 2.37 35.35
CA PRO D 99 18.98 2.01 36.01
C PRO D 99 18.25 3.17 36.68
N LYS D 100 18.96 4.00 37.44
CA LYS D 100 18.28 5.13 38.08
C LYS D 100 17.78 6.13 37.05
N GLN D 101 18.59 6.40 36.02
CA GLN D 101 18.17 7.30 34.96
C GLN D 101 16.96 6.73 34.23
N ARG D 102 17.04 5.45 33.87
CA ARG D 102 15.91 4.76 33.26
C ARG D 102 14.64 4.89 34.09
N ALA D 103 14.76 4.76 35.42
CA ALA D 103 13.60 4.80 36.30
C ALA D 103 13.02 6.21 36.41
N ARG D 104 13.87 7.23 36.49
N ARG D 104 13.86 7.24 36.49
CA ARG D 104 13.36 8.60 36.42
CA ARG D 104 13.33 8.60 36.43
C ARG D 104 12.57 8.83 35.14
C ARG D 104 12.55 8.82 35.13
N VAL D 105 13.13 8.38 34.02
CA VAL D 105 12.46 8.54 32.73
C VAL D 105 11.15 7.77 32.73
N HIS D 106 11.21 6.50 33.14
CA HIS D 106 10.02 5.66 33.12
C HIS D 106 8.97 6.22 34.06
N ASN D 107 9.39 6.80 35.19
CA ASN D 107 8.46 7.42 36.12
C ASN D 107 7.68 8.53 35.43
N ARG D 108 8.38 9.35 34.63
CA ARG D 108 7.63 10.41 33.95
C ARG D 108 6.80 9.90 32.76
N LEU D 109 7.27 8.86 32.06
CA LEU D 109 6.43 8.20 31.07
C LEU D 109 5.15 7.69 31.71
N CYS D 110 5.24 7.12 32.91
CA CYS D 110 4.06 6.65 33.62
C CYS D 110 3.15 7.81 33.97
N PHE D 111 3.71 8.91 34.46
CA PHE D 111 2.91 10.08 34.73
C PHE D 111 2.13 10.50 33.48
N ASN D 112 2.81 10.55 32.32
CA ASN D 112 2.10 10.92 31.10
C ASN D 112 0.98 9.93 30.78
N ASN D 113 1.28 8.63 30.84
CA ASN D 113 0.31 7.62 30.40
C ASN D 113 -0.89 7.59 31.32
N ALA D 114 -0.64 7.60 32.63
CA ALA D 114 -1.69 7.40 33.62
C ALA D 114 -2.30 8.69 34.13
N VAL D 115 -1.66 9.85 33.91
CA VAL D 115 -2.24 11.06 34.47
C VAL D 115 -2.52 12.09 33.39
N LEU D 116 -1.46 12.66 32.81
CA LEU D 116 -1.65 13.75 31.85
C LEU D 116 -2.52 13.31 30.67
N PHE D 117 -2.15 12.20 30.04
CA PHE D 117 -2.88 11.78 28.85
C PHE D 117 -4.27 11.26 29.20
N GLN D 118 -4.43 10.56 30.34
CA GLN D 118 -5.78 10.12 30.71
C GLN D 118 -6.74 11.30 30.79
N ARG D 119 -6.32 12.37 31.47
CA ARG D 119 -7.19 13.52 31.70
C ARG D 119 -7.39 14.34 30.43
N GLU D 120 -6.31 14.56 29.67
CA GLU D 120 -6.48 15.35 28.46
C GLU D 120 -7.28 14.57 27.41
N SER D 121 -7.18 13.24 27.39
N SER D 121 -7.17 13.24 27.40
CA SER D 121 -7.91 12.49 26.39
CA SER D 121 -7.90 12.45 26.42
C SER D 121 -9.40 12.46 26.72
C SER D 121 -9.39 12.46 26.72
N ILE D 122 -9.75 12.43 28.01
CA ILE D 122 -11.15 12.61 28.38
C ILE D 122 -11.69 13.90 27.76
N VAL D 123 -10.94 14.99 27.92
CA VAL D 123 -11.40 16.28 27.36
C VAL D 123 -11.48 16.23 25.83
N MET D 124 -10.38 15.85 25.15
CA MET D 124 -10.33 15.89 23.70
C MET D 124 -11.35 14.94 23.06
N ARG D 125 -11.50 13.74 23.60
CA ARG D 125 -12.50 12.82 23.08
C ARG D 125 -13.89 13.42 23.23
N GLY D 126 -14.23 13.95 24.42
CA GLY D 126 -15.53 14.56 24.58
C GLY D 126 -15.81 15.65 23.55
N LEU D 127 -14.79 16.46 23.24
CA LEU D 127 -14.96 17.49 22.21
C LEU D 127 -15.13 16.88 20.81
N ILE D 128 -14.44 15.77 20.52
CA ILE D 128 -14.45 15.22 19.16
C ILE D 128 -15.79 14.57 18.85
N ASN D 129 -16.34 13.79 19.78
CA ASN D 129 -17.63 13.15 19.57
C ASN D 129 -18.81 14.03 19.95
N ARG D 130 -18.55 15.30 20.30
CA ARG D 130 -19.54 16.35 20.54
C ARG D 130 -20.31 16.18 21.85
N SER D 131 -19.90 15.28 22.74
CA SER D 131 -20.51 15.18 24.06
C SER D 131 -20.01 16.24 25.03
N ILE D 132 -19.10 17.11 24.60
CA ILE D 132 -18.70 18.29 25.37
C ILE D 132 -18.81 19.49 24.46
N VAL D 133 -19.83 20.34 24.69
CA VAL D 133 -19.95 21.61 23.98
C VAL D 133 -19.10 22.67 24.67
N THR D 134 -19.37 22.92 25.94
CA THR D 134 -18.56 23.78 26.78
C THR D 134 -17.79 22.92 27.77
N LEU D 135 -16.59 23.36 28.13
CA LEU D 135 -15.74 22.60 29.04
C LEU D 135 -16.17 22.85 30.48
N GLU D 136 -16.54 21.78 31.18
CA GLU D 136 -16.91 21.86 32.58
C GLU D 136 -15.68 21.78 33.47
N ASP D 137 -15.79 22.33 34.69
CA ASP D 137 -14.64 22.33 35.59
C ASP D 137 -14.27 20.92 36.00
N HIS D 138 -15.21 19.98 35.98
CA HIS D 138 -14.84 18.58 36.21
C HIS D 138 -14.01 18.02 35.05
N HIS D 139 -13.91 18.75 33.95
CA HIS D 139 -13.02 18.42 32.84
C HIS D 139 -11.72 19.22 32.88
N LEU D 140 -11.77 20.49 33.30
CA LEU D 140 -10.57 21.31 33.30
C LEU D 140 -9.71 21.08 34.54
N LYS D 141 -10.33 21.04 35.71
CA LYS D 141 -9.58 20.93 36.96
C LYS D 141 -8.59 19.76 36.99
N PRO D 142 -8.93 18.55 36.51
CA PRO D 142 -7.90 17.48 36.54
C PRO D 142 -6.71 17.77 35.62
N VAL D 143 -6.96 18.35 34.44
CA VAL D 143 -5.84 18.80 33.60
C VAL D 143 -4.97 19.80 34.35
N GLN D 144 -5.60 20.76 35.06
CA GLN D 144 -4.83 21.77 35.78
C GLN D 144 -4.07 21.21 36.97
N GLU D 145 -4.61 20.18 37.63
CA GLU D 145 -3.84 19.47 38.65
C GLU D 145 -2.65 18.72 38.03
N ALA D 146 -2.85 18.14 36.86
CA ALA D 146 -1.70 17.60 36.14
C ALA D 146 -0.67 18.69 35.86
N TYR D 147 -1.13 19.89 35.46
CA TYR D 147 -0.22 21.01 35.24
C TYR D 147 0.54 21.35 36.52
N ASP D 148 -0.15 21.27 37.66
CA ASP D 148 0.50 21.55 38.94
C ASP D 148 1.63 20.56 39.21
N CYS D 149 1.35 19.28 39.01
CA CYS D 149 2.40 18.27 39.20
C CYS D 149 3.58 18.54 38.27
N LEU D 150 3.27 18.83 37.01
CA LEU D 150 4.32 19.12 36.03
C LEU D 150 5.16 20.31 36.47
N GLU D 151 4.52 21.32 37.08
CA GLU D 151 5.24 22.49 37.57
C GLU D 151 6.18 22.12 38.71
N VAL D 152 5.75 21.22 39.61
CA VAL D 152 6.67 20.74 40.65
C VAL D 152 7.87 20.05 40.01
N TYR D 153 7.60 19.14 39.07
CA TYR D 153 8.71 18.43 38.43
C TYR D 153 9.68 19.39 37.75
N LEU D 154 9.16 20.40 37.05
CA LEU D 154 10.02 21.29 36.29
C LEU D 154 10.68 22.34 37.18
N THR D 155 10.15 22.55 38.39
CA THR D 155 10.89 23.30 39.39
C THR D 155 12.09 22.48 39.87
N ASN D 156 11.93 21.17 39.97
CA ASN D 156 12.99 20.36 40.56
C ASN D 156 14.10 19.99 39.58
N SER D 157 13.81 19.95 38.29
CA SER D 157 14.83 19.66 37.29
C SER D 157 14.54 20.49 36.06
N LYS D 158 15.55 20.64 35.20
CA LYS D 158 15.40 21.50 34.03
C LYS D 158 14.38 20.94 33.05
N PHE D 159 14.38 19.63 32.84
CA PHE D 159 13.42 18.94 31.97
C PHE D 159 12.58 18.01 32.85
N VAL D 160 11.68 17.24 32.22
CA VAL D 160 10.63 16.61 33.04
C VAL D 160 11.22 15.59 34.01
N ALA D 161 12.22 14.81 33.58
CA ALA D 161 12.74 13.73 34.41
C ALA D 161 14.11 14.02 35.01
N CYS D 162 14.81 15.07 34.57
CA CYS D 162 16.15 15.36 35.07
C CYS D 162 16.64 16.61 34.37
N ASP D 163 17.89 17.01 34.59
CA ASP D 163 18.35 18.28 34.06
C ASP D 163 18.65 18.23 32.57
N GLN D 164 18.66 17.05 31.96
CA GLN D 164 18.79 16.91 30.53
C GLN D 164 17.46 16.52 29.90
N LEU D 165 17.28 16.94 28.66
CA LEU D 165 16.21 16.44 27.82
C LEU D 165 16.28 14.92 27.70
N THR D 166 15.15 14.25 27.89
CA THR D 166 15.05 12.80 27.74
C THR D 166 13.78 12.49 26.96
N VAL D 167 13.60 11.22 26.62
CA VAL D 167 12.40 10.87 25.85
C VAL D 167 11.14 11.08 26.66
N ALA D 168 11.25 11.11 27.99
CA ALA D 168 10.08 11.43 28.82
C ALA D 168 9.50 12.80 28.48
N ASP D 169 10.31 13.72 27.98
CA ASP D 169 9.77 15.02 27.62
C ASP D 169 8.83 14.94 26.42
N PHE D 170 8.95 13.94 25.55
CA PHE D 170 8.22 13.98 24.28
C PHE D 170 6.73 13.62 24.40
N PRO D 171 6.35 12.51 25.06
CA PRO D 171 4.91 12.30 25.27
C PRO D 171 4.26 13.46 25.99
N ILE D 172 4.92 13.98 27.04
CA ILE D 172 4.33 15.06 27.82
C ILE D 172 4.10 16.30 26.93
N VAL D 173 5.12 16.72 26.19
CA VAL D 173 4.89 17.90 25.36
C VAL D 173 3.88 17.58 24.27
N ALA D 174 3.87 16.32 23.79
CA ALA D 174 2.85 15.91 22.84
C ALA D 174 1.46 16.16 23.41
N CYS D 175 1.24 15.80 24.68
CA CYS D 175 -0.05 16.07 25.31
C CYS D 175 -0.25 17.54 25.56
N MET D 176 0.81 18.21 26.04
CA MET D 176 0.69 19.62 26.41
C MET D 176 0.22 20.46 25.23
N SER D 177 0.85 20.27 24.07
CA SER D 177 0.46 20.97 22.83
C SER D 177 -0.90 20.55 22.32
N THR D 178 -1.50 19.49 22.86
CA THR D 178 -2.84 19.08 22.41
C THR D 178 -3.88 19.75 23.30
N VAL D 179 -3.93 19.34 24.57
CA VAL D 179 -4.92 19.87 25.50
C VAL D 179 -4.71 21.36 25.73
N GLY D 180 -3.52 21.88 25.41
CA GLY D 180 -3.28 23.32 25.45
C GLY D 180 -4.26 24.12 24.62
N MET D 181 -4.85 23.50 23.59
CA MET D 181 -5.80 24.18 22.71
C MET D 181 -7.13 24.46 23.42
N VAL D 182 -7.46 23.70 24.45
CA VAL D 182 -8.68 23.89 25.20
C VAL D 182 -8.39 24.35 26.63
N CYS D 183 -7.23 24.01 27.17
N CYS D 183 -7.26 23.98 27.21
CA CYS D 183 -6.83 24.36 28.53
CA CYS D 183 -6.86 24.41 28.55
C CYS D 183 -5.43 24.98 28.47
C CYS D 183 -5.45 24.97 28.44
N PRO D 184 -5.29 26.19 27.93
CA PRO D 184 -3.94 26.73 27.68
C PRO D 184 -3.13 26.91 28.95
N LEU D 185 -1.81 26.78 28.80
CA LEU D 185 -0.90 27.12 29.89
C LEU D 185 -0.93 28.60 30.19
N SER D 186 -1.17 28.93 31.45
CA SER D 186 -1.02 30.29 31.94
C SER D 186 0.42 30.49 32.38
N THR D 187 1.12 31.41 31.70
CA THR D 187 2.49 31.71 32.07
C THR D 187 2.59 32.17 33.52
N SER D 188 1.59 32.91 33.99
CA SER D 188 1.64 33.38 35.39
C SER D 188 1.45 32.23 36.35
N ARG D 189 0.51 31.33 36.05
CA ARG D 189 0.20 30.24 36.96
C ARG D 189 1.29 29.16 36.93
N TRP D 190 1.77 28.79 35.75
CA TRP D 190 2.75 27.71 35.57
C TRP D 190 3.97 28.21 34.82
N PRO D 191 4.80 29.05 35.45
CA PRO D 191 5.94 29.64 34.72
C PRO D 191 7.01 28.64 34.32
N LYS D 192 7.32 27.68 35.20
CA LYS D 192 8.39 26.74 34.85
C LYS D 192 7.93 25.85 33.71
N THR D 193 6.65 25.47 33.70
CA THR D 193 6.11 24.63 32.66
C THR D 193 5.99 25.38 31.34
N ALA D 194 5.54 26.64 31.39
CA ALA D 194 5.47 27.45 30.17
C ALA D 194 6.86 27.67 29.56
N ALA D 195 7.85 27.96 30.40
CA ALA D 195 9.22 28.13 29.90
C ALA D 195 9.76 26.83 29.31
N TRP D 196 9.50 25.70 29.99
CA TRP D 196 9.90 24.40 29.43
C TRP D 196 9.23 24.16 28.08
N PHE D 197 7.93 24.45 27.97
CA PHE D 197 7.18 24.26 26.73
C PHE D 197 7.79 25.09 25.60
N GLU D 198 8.11 26.36 25.87
CA GLU D 198 8.78 27.20 24.89
C GLU D 198 10.12 26.59 24.47
N THR D 199 10.93 26.17 25.45
CA THR D 199 12.14 25.46 25.11
C THR D 199 11.87 24.27 24.21
N MET D 200 10.74 23.61 24.43
CA MET D 200 10.55 22.33 23.80
C MET D 200 10.22 22.56 22.33
N LYS D 201 9.51 23.67 22.08
CA LYS D 201 9.12 24.09 20.73
C LYS D 201 10.30 24.59 19.91
N GLN D 202 11.43 24.95 20.53
CA GLN D 202 12.62 25.32 19.79
C GLN D 202 13.39 24.12 19.24
N LEU D 203 13.10 22.89 19.68
CA LEU D 203 13.84 21.77 19.14
C LEU D 203 13.67 21.73 17.62
N PRO D 204 14.73 21.43 16.86
CA PRO D 204 14.63 21.50 15.40
C PRO D 204 13.63 20.55 14.78
N TYR D 205 13.28 19.47 15.47
CA TYR D 205 12.37 18.47 14.93
C TYR D 205 10.95 18.64 15.46
N TYR D 206 10.69 19.64 16.30
CA TYR D 206 9.36 19.81 16.89
C TYR D 206 8.30 20.04 15.81
N GLN D 207 8.58 20.92 14.84
CA GLN D 207 7.57 21.29 13.85
C GLN D 207 7.06 20.07 13.09
N GLN D 208 7.97 19.33 12.46
CA GLN D 208 7.56 18.21 11.60
C GLN D 208 7.11 16.99 12.42
N ALA D 209 7.63 16.81 13.63
CA ALA D 209 7.28 15.61 14.40
C ALA D 209 6.04 15.80 15.24
N ASN D 210 5.75 17.04 15.64
CA ASN D 210 4.63 17.33 16.50
C ASN D 210 3.70 18.41 16.00
N GLN D 211 4.21 19.53 15.48
CA GLN D 211 3.30 20.61 15.13
C GLN D 211 2.38 20.23 13.97
N VAL D 212 2.89 19.47 12.98
CA VAL D 212 2.08 19.05 11.83
C VAL D 212 0.80 18.38 12.29
N GLY D 213 0.93 17.37 13.17
CA GLY D 213 -0.24 16.66 13.62
C GLY D 213 -1.12 17.48 14.53
N VAL D 214 -0.51 18.36 15.34
CA VAL D 214 -1.33 19.24 16.17
C VAL D 214 -2.22 20.11 15.30
N ASP D 215 -1.67 20.63 14.19
CA ASP D 215 -2.47 21.48 13.30
C ASP D 215 -3.55 20.68 12.60
N LYS D 216 -3.25 19.44 12.20
CA LYS D 216 -4.28 18.58 11.63
C LYS D 216 -5.43 18.38 12.62
N LEU D 217 -5.10 18.09 13.88
CA LEU D 217 -6.14 17.92 14.88
C LEU D 217 -6.89 19.22 15.13
N LYS D 218 -6.18 20.35 15.10
CA LYS D 218 -6.84 21.63 15.27
C LYS D 218 -7.91 21.84 14.21
N GLU D 219 -7.58 21.51 12.96
CA GLU D 219 -8.58 21.62 11.90
C GLU D 219 -9.74 20.64 12.13
N ARG D 220 -9.45 19.44 12.65
CA ARG D 220 -10.54 18.50 12.94
C ARG D 220 -11.44 19.03 14.04
N LEU D 221 -10.87 19.67 15.05
CA LEU D 221 -11.68 20.21 16.14
C LEU D 221 -12.51 21.42 15.69
N HIS D 222 -12.01 22.18 14.72
CA HIS D 222 -12.75 23.36 14.25
C HIS D 222 -14.04 22.95 13.57
N ALA D 223 -14.00 21.87 12.79
CA ALA D 223 -15.21 21.38 12.12
C ALA D 223 -16.27 20.94 13.12
N VAL D 224 -15.86 20.29 14.21
CA VAL D 224 -16.77 19.89 15.28
C VAL D 224 -17.00 21.05 16.26
#